data_3RHZ
#
_entry.id   3RHZ
#
_cell.length_a   77.176
_cell.length_b   193.862
_cell.length_c   96.251
_cell.angle_alpha   90.00
_cell.angle_beta   90.00
_cell.angle_gamma   90.00
#
_symmetry.space_group_name_H-M   'C 2 2 21'
#
loop_
_entity.id
_entity.type
_entity.pdbx_description
1 polymer 'Nucleotide sugar synthetase-like protein'
2 non-polymer "URIDINE-5'-DIPHOSPHATE"
3 non-polymer 'CHLORIDE ION'
4 water water
#
_entity_poly.entity_id   1
_entity_poly.type   'polypeptide(L)'
_entity_poly.pdbx_seq_one_letter_code
;SEFELRRQACMRVYITNINGQSIQSTAQLCQNTVTDVAVSLGYRELGIYCYQIHTDSESELSKRLDGIVAGLRHGDVVIF
QTPTWNTTEFDEKLMNKLKLYDIKIVLFIHDVVPLMFSGNFYLMDRTIAYYNKADVVVAPSQKMIDKLRDFGMNVSKTVV
QGMWDHPTQAPMFPAGLKREIHFPGNPERFSFVKEWKYDIPLKVYTWQNVELPQNVHKINYRPDEQLLMEMSQGGFGLVW
MDDKDKEYQSLYCSYKLGSFLAAGIPVIVQEGIANQELIENNGLGWIVKDVEEAIMKVKNVNEDEYIELVKNVRSFNPIL
RKGFFTRRLLTESVFQAIC
;
_entity_poly.pdbx_strand_id   A,B
#
# COMPACT_ATOMS: atom_id res chain seq x y z
N CYS A 10 -0.29 19.13 -9.63
CA CYS A 10 0.76 18.45 -8.89
C CYS A 10 0.30 18.04 -7.50
N MET A 11 -0.16 16.93 -7.45
CA MET A 11 -0.82 16.49 -6.24
C MET A 11 0.15 16.41 -5.06
N ARG A 12 -0.27 16.95 -3.91
CA ARG A 12 0.35 16.61 -2.64
C ARG A 12 -0.70 15.89 -1.79
N VAL A 13 -0.24 15.01 -0.91
CA VAL A 13 -1.11 14.36 0.04
C VAL A 13 -0.87 14.99 1.41
N TYR A 14 -1.96 15.41 2.07
CA TYR A 14 -1.87 15.99 3.41
C TYR A 14 -2.61 15.07 4.37
N ILE A 15 -2.24 15.12 5.65
CA ILE A 15 -2.92 14.33 6.67
C ILE A 15 -3.08 15.16 7.95
N THR A 16 -4.27 15.15 8.54
CA THR A 16 -4.50 15.95 9.75
C THR A 16 -3.88 15.22 10.94
N ASN A 17 -3.52 15.96 11.96
CA ASN A 17 -2.79 15.39 13.08
C ASN A 17 -3.01 16.28 14.30
N ILE A 18 -3.55 15.71 15.37
CA ILE A 18 -3.84 16.51 16.55
C ILE A 18 -2.63 16.81 17.43
N ASN A 19 -2.75 17.86 18.25
CA ASN A 19 -1.67 18.32 19.08
C ASN A 19 -2.31 18.96 20.30
N GLY A 20 -1.59 19.02 21.41
CA GLY A 20 -2.08 19.75 22.56
C GLY A 20 -2.74 18.91 23.63
N GLN A 21 -2.90 17.61 23.38
CA GLN A 21 -3.45 16.72 24.41
C GLN A 21 -2.38 16.31 25.41
N SER A 22 -2.81 15.77 26.54
CA SER A 22 -1.88 15.23 27.52
C SER A 22 -0.94 14.23 26.86
N ILE A 23 0.27 14.15 27.39
CA ILE A 23 1.25 13.18 26.90
C ILE A 23 0.69 11.76 27.00
N GLN A 24 -0.19 11.53 27.97
CA GLN A 24 -0.72 10.18 28.20
C GLN A 24 -1.92 9.86 27.33
N SER A 25 -2.24 10.75 26.40
CA SER A 25 -3.41 10.55 25.55
C SER A 25 -3.13 9.58 24.41
N THR A 26 -3.79 8.45 24.41
CA THR A 26 -3.53 7.45 23.39
C THR A 26 -4.04 7.91 22.04
N ALA A 27 -5.14 8.68 22.05
CA ALA A 27 -5.71 9.19 20.82
C ALA A 27 -4.65 10.00 20.06
N GLN A 28 -3.92 10.83 20.79
CA GLN A 28 -2.91 11.67 20.15
C GLN A 28 -1.69 10.86 19.75
N LEU A 29 -1.31 9.89 20.58
CA LEU A 29 -0.19 9.00 20.25
C LEU A 29 -0.42 8.35 18.92
N CYS A 30 -1.64 7.84 18.72
CA CYS A 30 -2.02 7.17 17.47
C CYS A 30 -1.93 8.09 16.26
N GLN A 31 -2.58 9.24 16.35
CA GLN A 31 -2.50 10.20 15.25
C GLN A 31 -1.07 10.63 14.96
N ASN A 32 -0.30 10.88 16.00
CA ASN A 32 1.08 11.30 15.80
C ASN A 32 1.91 10.19 15.14
N THR A 33 1.71 8.95 15.59
CA THR A 33 2.45 7.83 15.03
C THR A 33 2.13 7.65 13.55
N VAL A 34 0.85 7.69 13.21
CA VAL A 34 0.44 7.67 11.80
C VAL A 34 1.09 8.81 11.01
N THR A 35 1.09 10.01 11.58
CA THR A 35 1.64 11.15 10.86
C THR A 35 3.15 11.00 10.62
N ASP A 36 3.85 10.44 11.59
CA ASP A 36 5.28 10.20 11.41
C ASP A 36 5.50 9.24 10.24
N VAL A 37 4.69 8.20 10.16
CA VAL A 37 4.78 7.28 9.01
C VAL A 37 4.44 8.04 7.72
N ALA A 38 3.33 8.77 7.74
CA ALA A 38 2.91 9.53 6.57
C ALA A 38 4.04 10.47 6.08
N VAL A 39 4.70 11.15 7.00
CA VAL A 39 5.75 12.07 6.63
C VAL A 39 6.92 11.33 5.98
N SER A 40 7.21 10.12 6.46
CA SER A 40 8.27 9.33 5.87
C SER A 40 7.91 8.96 4.43
N LEU A 41 6.61 8.95 4.13
CA LEU A 41 6.11 8.63 2.79
C LEU A 41 6.03 9.87 1.91
N GLY A 42 6.37 11.02 2.47
CA GLY A 42 6.32 12.27 1.71
C GLY A 42 5.02 13.05 1.82
N TYR A 43 4.13 12.61 2.72
CA TYR A 43 2.87 13.31 2.95
C TYR A 43 3.11 14.50 3.88
N ARG A 44 2.20 15.47 3.88
CA ARG A 44 2.41 16.69 4.66
C ARG A 44 1.39 16.81 5.77
N GLU A 45 1.81 17.32 6.92
CA GLU A 45 0.91 17.44 8.06
C GLU A 45 -0.02 18.67 8.00
N LEU A 46 -1.29 18.47 8.35
CA LEU A 46 -2.19 19.57 8.70
C LEU A 46 -2.43 19.54 10.20
N GLY A 47 -1.67 20.33 10.95
CA GLY A 47 -1.76 20.26 12.41
C GLY A 47 -3.07 20.83 12.92
N ILE A 48 -3.63 20.17 13.92
CA ILE A 48 -4.83 20.63 14.58
C ILE A 48 -4.59 20.70 16.09
N TYR A 49 -4.88 21.84 16.70
CA TYR A 49 -4.71 21.95 18.13
C TYR A 49 -6.00 21.60 18.85
N CYS A 50 -5.89 20.89 19.96
CA CYS A 50 -7.08 20.55 20.74
C CYS A 50 -7.39 21.69 21.73
N TYR A 51 -8.57 22.27 21.60
CA TYR A 51 -8.95 23.42 22.42
C TYR A 51 -10.47 23.43 22.57
N GLN A 52 -10.97 24.41 23.32
CA GLN A 52 -12.38 24.57 23.62
C GLN A 52 -13.05 25.41 22.53
N ILE A 53 -13.76 24.75 21.63
CA ILE A 53 -14.28 25.41 20.44
C ILE A 53 -15.23 26.58 20.76
N HIS A 54 -15.95 26.49 21.88
CA HIS A 54 -16.87 27.56 22.27
C HIS A 54 -16.17 28.92 22.45
N THR A 55 -14.85 28.91 22.61
CA THR A 55 -14.08 30.16 22.73
C THR A 55 -13.91 30.94 21.42
N ASP A 56 -14.26 30.34 20.29
CA ASP A 56 -14.22 31.06 19.01
C ASP A 56 -15.60 31.54 18.61
N SER A 57 -15.68 32.79 18.14
CA SER A 57 -16.83 33.22 17.34
C SER A 57 -16.85 32.40 16.05
N GLU A 58 -17.96 32.44 15.32
CA GLU A 58 -18.02 31.71 14.06
C GLU A 58 -16.97 32.15 13.04
N SER A 59 -16.71 33.45 12.96
CA SER A 59 -15.73 33.92 11.97
C SER A 59 -14.31 33.58 12.43
N GLU A 60 -14.10 33.58 13.74
CA GLU A 60 -12.81 33.19 14.30
C GLU A 60 -12.52 31.70 14.01
N LEU A 61 -13.54 30.86 14.17
CA LEU A 61 -13.34 29.44 13.90
C LEU A 61 -13.05 29.23 12.42
N SER A 62 -13.74 30.01 11.58
CA SER A 62 -13.62 29.87 10.14
C SER A 62 -12.21 30.19 9.71
N LYS A 63 -11.65 31.26 10.30
CA LYS A 63 -10.32 31.74 9.95
C LYS A 63 -9.22 30.93 10.62
N ARG A 64 -9.51 30.35 11.78
CA ARG A 64 -8.59 29.37 12.37
C ARG A 64 -8.42 28.18 11.41
N LEU A 65 -9.54 27.67 10.92
CA LEU A 65 -9.53 26.57 9.94
C LEU A 65 -8.81 26.98 8.67
N ASP A 66 -9.05 28.21 8.19
CA ASP A 66 -8.29 28.74 7.06
C ASP A 66 -6.78 28.71 7.28
N GLY A 67 -6.36 28.98 8.52
CA GLY A 67 -4.97 28.86 8.89
C GLY A 67 -4.49 27.43 8.78
N ILE A 68 -5.28 26.49 9.30
CA ILE A 68 -4.93 25.07 9.24
C ILE A 68 -4.80 24.59 7.78
N VAL A 69 -5.72 25.00 6.92
CA VAL A 69 -5.69 24.49 5.54
C VAL A 69 -5.03 25.45 4.54
N ALA A 70 -4.28 26.42 5.07
CA ALA A 70 -3.68 27.44 4.21
C ALA A 70 -2.89 26.86 3.04
N GLY A 71 -2.18 25.74 3.26
CA GLY A 71 -1.30 25.19 2.23
C GLY A 71 -1.98 24.30 1.19
N LEU A 72 -3.27 24.06 1.36
CA LEU A 72 -4.00 23.16 0.48
C LEU A 72 -4.25 23.78 -0.90
N ARG A 73 -4.28 22.94 -1.92
CA ARG A 73 -4.60 23.41 -3.28
C ARG A 73 -5.55 22.44 -3.95
N HIS A 74 -6.37 22.93 -4.87
CA HIS A 74 -7.12 22.01 -5.71
C HIS A 74 -6.21 20.93 -6.25
N GLY A 75 -6.72 19.70 -6.31
CA GLY A 75 -5.95 18.61 -6.84
C GLY A 75 -5.15 17.82 -5.80
N ASP A 76 -5.13 18.29 -4.55
CA ASP A 76 -4.51 17.52 -3.48
C ASP A 76 -5.43 16.39 -2.99
N VAL A 77 -4.87 15.54 -2.13
CA VAL A 77 -5.64 14.55 -1.41
C VAL A 77 -5.44 14.85 0.06
N VAL A 78 -6.52 14.85 0.83
CA VAL A 78 -6.44 15.00 2.27
C VAL A 78 -6.94 13.78 3.04
N ILE A 79 -6.11 13.32 3.98
CA ILE A 79 -6.47 12.26 4.90
C ILE A 79 -6.88 12.87 6.25
N PHE A 80 -8.15 12.73 6.59
CA PHE A 80 -8.73 13.30 7.81
C PHE A 80 -8.80 12.20 8.86
N GLN A 81 -7.87 12.23 9.82
CA GLN A 81 -7.95 11.29 10.94
C GLN A 81 -9.01 11.75 11.92
N THR A 82 -10.03 10.93 12.12
CA THR A 82 -11.17 11.34 12.92
C THR A 82 -11.37 10.38 14.10
N PRO A 83 -11.78 10.92 15.25
CA PRO A 83 -12.15 12.33 15.46
C PRO A 83 -10.97 13.21 15.88
N THR A 84 -11.14 14.53 15.77
CA THR A 84 -10.13 15.47 16.23
C THR A 84 -10.16 15.63 17.76
N TRP A 85 -11.26 15.23 18.37
CA TRP A 85 -11.48 15.40 19.80
C TRP A 85 -11.72 16.87 20.16
N ASN A 86 -12.06 17.67 19.15
CA ASN A 86 -12.55 19.03 19.35
C ASN A 86 -14.08 19.08 19.31
N THR A 87 -14.68 17.89 19.29
CA THR A 87 -16.14 17.67 19.27
C THR A 87 -16.66 17.53 17.85
N THR A 88 -17.78 16.85 17.74
CA THR A 88 -18.39 16.57 16.45
C THR A 88 -18.56 17.86 15.65
N GLU A 89 -18.90 18.94 16.35
CA GLU A 89 -19.10 20.21 15.65
C GLU A 89 -17.84 20.63 14.88
N PHE A 90 -16.67 20.49 15.51
CA PHE A 90 -15.43 20.86 14.84
C PHE A 90 -15.17 19.94 13.65
N ASP A 91 -15.39 18.64 13.85
CA ASP A 91 -15.16 17.65 12.78
C ASP A 91 -16.00 17.97 11.55
N GLU A 92 -17.29 18.25 11.78
CA GLU A 92 -18.19 18.67 10.71
C GLU A 92 -17.69 19.93 9.99
N LYS A 93 -17.22 20.92 10.74
CA LYS A 93 -16.81 22.18 10.13
C LYS A 93 -15.49 22.07 9.37
N LEU A 94 -14.60 21.22 9.86
CA LEU A 94 -13.37 20.95 9.13
C LEU A 94 -13.70 20.29 7.79
N MET A 95 -14.59 19.29 7.82
CA MET A 95 -14.95 18.58 6.60
C MET A 95 -15.59 19.56 5.61
N ASN A 96 -16.45 20.44 6.12
CA ASN A 96 -17.03 21.52 5.29
C ASN A 96 -15.97 22.36 4.59
N LYS A 97 -14.95 22.79 5.33
CA LYS A 97 -13.84 23.56 4.74
C LYS A 97 -13.12 22.77 3.66
N LEU A 98 -12.89 21.48 3.92
CA LEU A 98 -12.16 20.65 2.96
C LEU A 98 -12.96 20.49 1.67
N LYS A 99 -14.27 20.33 1.82
CA LYS A 99 -15.13 20.11 0.66
C LYS A 99 -15.25 21.35 -0.23
N LEU A 100 -14.77 22.49 0.25
CA LEU A 100 -14.73 23.68 -0.59
C LEU A 100 -13.62 23.59 -1.63
N TYR A 101 -12.65 22.68 -1.41
CA TYR A 101 -11.55 22.48 -2.36
C TYR A 101 -11.86 21.36 -3.35
N ASP A 102 -11.28 21.43 -4.54
CA ASP A 102 -11.42 20.34 -5.51
C ASP A 102 -10.35 19.28 -5.18
N ILE A 103 -10.61 18.53 -4.11
CA ILE A 103 -9.67 17.53 -3.63
C ILE A 103 -10.41 16.22 -3.39
N LYS A 104 -9.66 15.15 -3.19
CA LYS A 104 -10.27 13.90 -2.74
C LYS A 104 -9.97 13.77 -1.27
N ILE A 105 -10.91 13.18 -0.53
CA ILE A 105 -10.79 13.07 0.91
C ILE A 105 -10.84 11.63 1.39
N VAL A 106 -9.83 11.26 2.16
CA VAL A 106 -9.80 9.94 2.78
C VAL A 106 -10.17 10.16 4.25
N LEU A 107 -11.18 9.45 4.70
CA LEU A 107 -11.61 9.50 6.09
C LEU A 107 -10.98 8.31 6.82
N PHE A 108 -10.08 8.59 7.78
CA PHE A 108 -9.36 7.52 8.51
C PHE A 108 -9.94 7.42 9.92
N ILE A 109 -10.82 6.45 10.14
CA ILE A 109 -11.52 6.35 11.42
C ILE A 109 -10.68 5.74 12.54
N HIS A 110 -10.41 6.54 13.57
CA HIS A 110 -9.68 6.06 14.76
C HIS A 110 -10.67 5.60 15.82
N ASP A 111 -11.79 6.30 15.88
CA ASP A 111 -12.88 5.96 16.79
C ASP A 111 -14.18 6.51 16.22
N VAL A 112 -15.31 5.92 16.63
CA VAL A 112 -16.62 6.42 16.22
C VAL A 112 -17.41 6.80 17.45
N VAL A 113 -17.52 8.10 17.72
CA VAL A 113 -18.06 8.61 18.97
C VAL A 113 -19.48 8.10 19.30
N PRO A 114 -20.38 8.12 18.32
CA PRO A 114 -21.73 7.59 18.58
C PRO A 114 -21.76 6.11 18.92
N LEU A 115 -20.68 5.37 18.66
CA LEU A 115 -20.66 3.94 18.96
C LEU A 115 -19.91 3.61 20.25
N MET A 116 -19.07 4.53 20.70
CA MET A 116 -18.29 4.33 21.92
C MET A 116 -19.17 4.29 23.16
N PHE A 117 -20.19 5.14 23.18
CA PHE A 117 -21.12 5.19 24.30
C PHE A 117 -22.56 5.29 23.82
N SER A 118 -23.44 4.53 24.48
CA SER A 118 -24.85 4.42 24.10
C SER A 118 -25.60 5.75 24.13
N GLY A 119 -25.26 6.59 25.10
CA GLY A 119 -25.96 7.86 25.28
C GLY A 119 -25.59 8.86 24.19
N ASN A 120 -24.48 8.60 23.50
CA ASN A 120 -24.05 9.46 22.40
C ASN A 120 -24.50 8.94 21.04
N PHE A 121 -25.41 7.98 21.02
CA PHE A 121 -25.87 7.42 19.75
C PHE A 121 -26.66 8.45 18.92
N TYR A 122 -27.25 9.43 19.59
CA TYR A 122 -27.98 10.49 18.91
C TYR A 122 -27.10 11.27 17.93
N LEU A 123 -25.79 11.16 18.08
CA LEU A 123 -24.86 11.86 17.21
C LEU A 123 -24.65 11.10 15.90
N MET A 124 -25.22 9.90 15.80
CA MET A 124 -24.95 9.08 14.62
C MET A 124 -25.33 9.76 13.31
N ASP A 125 -26.51 10.38 13.24
CA ASP A 125 -26.93 10.99 11.96
C ASP A 125 -25.97 12.08 11.48
N ARG A 126 -25.54 12.95 12.38
CA ARG A 126 -24.63 14.02 12.03
C ARG A 126 -23.28 13.44 11.63
N THR A 127 -22.88 12.35 12.28
CA THR A 127 -21.57 11.76 12.02
C THR A 127 -21.60 11.12 10.63
N ILE A 128 -22.63 10.33 10.37
CA ILE A 128 -22.79 9.71 9.05
C ILE A 128 -22.82 10.76 7.93
N ALA A 129 -23.52 11.86 8.18
CA ALA A 129 -23.63 12.93 7.19
C ALA A 129 -22.29 13.53 6.80
N TYR A 130 -21.39 13.74 7.76
CA TYR A 130 -20.07 14.24 7.37
C TYR A 130 -19.17 13.13 6.86
N TYR A 131 -19.31 11.92 7.39
CA TYR A 131 -18.59 10.78 6.84
C TYR A 131 -18.85 10.62 5.35
N ASN A 132 -20.10 10.83 4.96
CA ASN A 132 -20.53 10.61 3.59
C ASN A 132 -19.95 11.60 2.61
N LYS A 133 -19.23 12.59 3.13
CA LYS A 133 -18.57 13.57 2.27
C LYS A 133 -17.20 13.09 1.77
N ALA A 134 -16.68 12.02 2.36
CA ALA A 134 -15.38 11.46 1.99
C ALA A 134 -15.45 10.65 0.71
N ASP A 135 -14.31 10.45 0.07
CA ASP A 135 -14.24 9.62 -1.13
C ASP A 135 -13.87 8.17 -0.81
N VAL A 136 -13.10 8.00 0.25
CA VAL A 136 -12.66 6.68 0.71
C VAL A 136 -12.73 6.70 2.21
N VAL A 137 -13.13 5.57 2.81
CA VAL A 137 -13.13 5.45 4.27
C VAL A 137 -12.21 4.29 4.67
N VAL A 138 -11.27 4.59 5.56
CA VAL A 138 -10.43 3.55 6.17
C VAL A 138 -11.03 3.31 7.54
N ALA A 139 -11.33 2.05 7.84
CA ALA A 139 -12.00 1.69 9.07
C ALA A 139 -11.22 0.58 9.75
N PRO A 140 -11.36 0.46 11.08
CA PRO A 140 -10.59 -0.58 11.78
C PRO A 140 -10.87 -2.00 11.29
N SER A 141 -12.11 -2.29 10.93
CA SER A 141 -12.49 -3.66 10.54
C SER A 141 -13.63 -3.66 9.54
N GLN A 142 -13.80 -4.79 8.86
CA GLN A 142 -14.90 -4.93 7.93
C GLN A 142 -16.23 -4.82 8.68
N LYS A 143 -16.28 -5.36 9.90
CA LYS A 143 -17.50 -5.25 10.71
C LYS A 143 -17.90 -3.80 10.99
N MET A 144 -16.92 -2.96 11.31
CA MET A 144 -17.20 -1.54 11.49
C MET A 144 -17.79 -0.93 10.21
N ILE A 145 -17.18 -1.24 9.06
CA ILE A 145 -17.74 -0.80 7.78
C ILE A 145 -19.19 -1.23 7.59
N ASP A 146 -19.48 -2.51 7.81
CA ASP A 146 -20.84 -3.01 7.66
C ASP A 146 -21.83 -2.32 8.61
N LYS A 147 -21.43 -2.12 9.86
CA LYS A 147 -22.25 -1.43 10.86
C LYS A 147 -22.55 0.02 10.46
N LEU A 148 -21.54 0.75 9.99
CA LEU A 148 -21.72 2.12 9.52
C LEU A 148 -22.65 2.18 8.31
N ARG A 149 -22.50 1.23 7.40
CA ARG A 149 -23.41 1.18 6.25
C ARG A 149 -24.88 0.98 6.67
N ASP A 150 -25.10 0.21 7.74
CA ASP A 150 -26.43 0.04 8.32
C ASP A 150 -27.03 1.35 8.81
N PHE A 151 -26.19 2.27 9.24
CA PHE A 151 -26.66 3.58 9.71
C PHE A 151 -26.57 4.63 8.61
N GLY A 152 -26.37 4.20 7.36
CA GLY A 152 -26.43 5.11 6.23
C GLY A 152 -25.14 5.57 5.56
N MET A 153 -23.99 5.03 5.98
CA MET A 153 -22.75 5.43 5.29
C MET A 153 -22.81 4.89 3.86
N ASN A 154 -22.54 5.73 2.88
CA ASN A 154 -22.66 5.26 1.51
C ASN A 154 -21.40 5.46 0.66
N VAL A 155 -20.26 5.64 1.32
CA VAL A 155 -19.00 5.80 0.60
C VAL A 155 -18.66 4.48 -0.07
N SER A 156 -18.38 4.52 -1.37
CA SER A 156 -18.27 3.27 -2.14
C SER A 156 -16.92 2.59 -1.95
N LYS A 157 -15.90 3.38 -1.63
CA LYS A 157 -14.55 2.81 -1.49
C LYS A 157 -14.16 2.73 -0.03
N THR A 158 -13.80 1.53 0.41
CA THR A 158 -13.41 1.34 1.80
C THR A 158 -12.11 0.53 1.88
N VAL A 159 -11.37 0.76 2.96
CA VAL A 159 -10.12 0.07 3.23
C VAL A 159 -10.11 -0.38 4.68
N VAL A 160 -9.73 -1.63 4.95
CA VAL A 160 -9.70 -2.15 6.31
C VAL A 160 -8.30 -2.01 6.90
N GLN A 161 -8.21 -1.33 8.04
CA GLN A 161 -6.93 -1.09 8.71
C GLN A 161 -6.30 -2.39 9.20
N GLY A 162 -7.09 -3.18 9.93
CA GLY A 162 -6.62 -4.48 10.40
C GLY A 162 -5.95 -4.45 11.76
N MET A 163 -4.88 -3.67 11.90
CA MET A 163 -4.12 -3.64 13.17
C MET A 163 -3.37 -2.32 13.29
N TRP A 164 -3.23 -1.82 14.51
CA TRP A 164 -2.33 -0.69 14.76
C TRP A 164 -0.88 -1.17 14.68
N ASP A 165 -0.04 -0.37 14.03
CA ASP A 165 1.40 -0.58 14.08
C ASP A 165 1.93 -0.01 15.38
N HIS A 166 3.24 -0.15 15.58
CA HIS A 166 3.91 0.47 16.71
C HIS A 166 5.39 0.69 16.39
N PRO A 167 5.69 1.67 15.51
CA PRO A 167 7.05 1.89 15.01
C PRO A 167 7.99 2.16 16.16
N THR A 168 9.11 1.45 16.16
CA THR A 168 10.05 1.59 17.25
C THR A 168 11.32 0.82 16.94
N GLN A 169 12.40 1.19 17.64
CA GLN A 169 13.64 0.41 17.57
C GLN A 169 14.02 -0.11 18.96
N ALA A 170 13.08 -0.01 19.90
CA ALA A 170 13.33 -0.47 21.26
C ALA A 170 13.93 -1.88 21.29
N PRO A 171 14.95 -2.08 22.13
CA PRO A 171 15.54 -3.41 22.25
C PRO A 171 14.53 -4.39 22.83
N MET A 172 14.55 -5.62 22.34
CA MET A 172 13.79 -6.71 22.93
C MET A 172 14.75 -7.58 23.75
N PHE A 173 14.48 -7.67 25.04
CA PHE A 173 15.19 -8.62 25.90
C PHE A 173 14.65 -10.00 25.62
N PRO A 174 15.40 -11.05 26.02
CA PRO A 174 14.86 -12.40 25.91
C PRO A 174 13.57 -12.53 26.71
N ALA A 175 12.56 -13.19 26.14
CA ALA A 175 11.28 -13.33 26.84
C ALA A 175 11.27 -14.58 27.72
N GLY A 176 11.34 -14.38 29.03
CA GLY A 176 11.21 -15.48 29.96
C GLY A 176 9.75 -15.83 30.16
N LEU A 177 9.48 -17.09 30.48
CA LEU A 177 8.12 -17.51 30.82
C LEU A 177 7.81 -17.07 32.24
N LYS A 178 7.32 -15.84 32.37
CA LYS A 178 6.84 -15.31 33.64
C LYS A 178 5.33 -15.47 33.63
N ARG A 179 4.77 -16.09 34.66
CA ARG A 179 3.33 -16.34 34.68
C ARG A 179 2.64 -15.11 35.26
N GLU A 180 2.62 -14.07 34.43
CA GLU A 180 2.11 -12.76 34.81
C GLU A 180 1.54 -12.11 33.56
N ILE A 181 0.63 -11.18 33.77
CA ILE A 181 -0.12 -10.57 32.66
C ILE A 181 0.08 -9.06 32.71
N HIS A 182 0.41 -8.46 31.56
CA HIS A 182 0.63 -7.01 31.47
C HIS A 182 -0.63 -6.30 30.97
N PHE A 183 -0.96 -5.16 31.60
CA PHE A 183 -2.09 -4.36 31.14
C PHE A 183 -1.80 -2.86 31.28
N PRO A 184 -1.24 -2.25 30.23
CA PRO A 184 -0.92 -0.82 30.20
C PRO A 184 -2.15 -0.01 29.81
N GLY A 185 -3.19 -0.08 30.64
CA GLY A 185 -4.41 0.66 30.42
C GLY A 185 -4.91 1.27 31.72
N ASN A 186 -5.83 2.22 31.59
CA ASN A 186 -6.35 2.99 32.73
C ASN A 186 -7.52 2.31 33.45
N PRO A 187 -7.39 2.10 34.76
CA PRO A 187 -8.41 1.39 35.54
C PRO A 187 -9.76 2.11 35.53
N GLU A 188 -9.76 3.41 35.30
CA GLU A 188 -11.02 4.15 35.26
C GLU A 188 -11.83 3.76 34.03
N ARG A 189 -11.14 3.41 32.95
CA ARG A 189 -11.81 2.98 31.73
C ARG A 189 -12.04 1.46 31.74
N PHE A 190 -11.13 0.73 32.38
CA PHE A 190 -11.23 -0.71 32.43
C PHE A 190 -11.54 -1.19 33.85
N SER A 191 -12.82 -1.14 34.19
CA SER A 191 -13.31 -1.51 35.51
C SER A 191 -12.91 -2.92 35.97
N PHE A 192 -12.71 -3.85 35.02
CA PHE A 192 -12.36 -5.23 35.40
C PHE A 192 -11.05 -5.29 36.21
N VAL A 193 -10.19 -4.30 36.02
CA VAL A 193 -8.94 -4.26 36.75
C VAL A 193 -9.18 -4.06 38.24
N LYS A 194 -10.20 -3.25 38.57
CA LYS A 194 -10.53 -2.98 39.96
C LYS A 194 -11.16 -4.18 40.66
N GLU A 195 -11.46 -5.23 39.90
CA GLU A 195 -12.13 -6.40 40.47
C GLU A 195 -11.26 -7.65 40.38
N TRP A 196 -10.04 -7.48 39.88
CA TRP A 196 -9.12 -8.60 39.72
C TRP A 196 -9.04 -9.45 40.98
N LYS A 197 -9.29 -10.73 40.84
CA LYS A 197 -9.38 -11.64 41.99
C LYS A 197 -8.65 -12.95 41.73
N TYR A 198 -7.81 -12.98 40.70
CA TYR A 198 -7.12 -14.21 40.31
C TYR A 198 -5.71 -14.25 40.90
N ASP A 199 -5.11 -15.44 40.97
CA ASP A 199 -3.82 -15.60 41.64
C ASP A 199 -2.63 -15.43 40.69
N ILE A 200 -2.94 -15.09 39.44
CA ILE A 200 -1.92 -14.64 38.49
C ILE A 200 -1.80 -13.12 38.62
N PRO A 201 -0.58 -12.61 38.84
CA PRO A 201 -0.36 -11.17 39.00
C PRO A 201 -0.74 -10.39 37.75
N LEU A 202 -1.45 -9.27 37.93
CA LEU A 202 -1.72 -8.38 36.82
C LEU A 202 -0.90 -7.11 37.00
N LYS A 203 -0.02 -6.81 36.05
CA LYS A 203 0.75 -5.58 36.08
C LYS A 203 -0.01 -4.49 35.35
N VAL A 204 -0.42 -3.47 36.09
CA VAL A 204 -1.19 -2.37 35.50
C VAL A 204 -0.36 -1.10 35.45
N TYR A 205 -0.14 -0.59 34.24
CA TYR A 205 0.68 0.61 34.06
C TYR A 205 -0.26 1.79 33.83
N THR A 206 -0.28 2.71 34.78
CA THR A 206 -1.27 3.78 34.77
C THR A 206 -0.79 5.01 35.52
N TRP A 207 -1.25 6.17 35.08
CA TRP A 207 -0.94 7.43 35.75
C TRP A 207 -1.91 7.62 36.90
N GLN A 208 -2.94 6.79 36.96
CA GLN A 208 -4.01 6.94 37.95
C GLN A 208 -3.49 6.73 39.36
N ASN A 209 -3.79 7.68 40.23
CA ASN A 209 -3.39 7.61 41.61
C ASN A 209 -4.46 6.91 42.45
N VAL A 210 -4.46 5.59 42.41
CA VAL A 210 -5.43 4.79 43.12
C VAL A 210 -4.77 3.50 43.57
N GLU A 211 -5.21 2.94 44.69
CA GLU A 211 -4.76 1.60 45.08
C GLU A 211 -5.61 0.55 44.38
N LEU A 212 -5.02 -0.60 44.09
CA LEU A 212 -5.70 -1.63 43.31
C LEU A 212 -5.73 -2.94 44.08
N PRO A 213 -6.48 -3.94 43.59
CA PRO A 213 -6.62 -5.21 44.32
C PRO A 213 -5.29 -5.88 44.66
N GLN A 214 -5.35 -6.86 45.56
CA GLN A 214 -4.15 -7.47 46.12
C GLN A 214 -3.17 -8.03 45.10
N ASN A 215 -3.70 -8.70 44.08
CA ASN A 215 -2.86 -9.36 43.08
C ASN A 215 -2.58 -8.50 41.85
N VAL A 216 -2.88 -7.20 41.97
CA VAL A 216 -2.56 -6.26 40.91
C VAL A 216 -1.35 -5.43 41.33
N HIS A 217 -0.33 -5.42 40.48
CA HIS A 217 0.83 -4.59 40.75
C HIS A 217 0.67 -3.28 39.99
N LYS A 218 0.39 -2.21 40.70
CA LYS A 218 0.24 -0.89 40.11
C LYS A 218 1.61 -0.30 39.77
N ILE A 219 1.83 -0.05 38.49
CA ILE A 219 3.10 0.52 38.04
C ILE A 219 2.83 1.88 37.41
N ASN A 220 3.70 2.84 37.68
CA ASN A 220 3.47 4.22 37.25
C ASN A 220 3.64 4.36 35.74
N TYR A 221 2.89 5.28 35.14
CA TYR A 221 2.98 5.50 33.70
C TYR A 221 4.43 5.74 33.28
N ARG A 222 4.86 5.10 32.20
CA ARG A 222 6.23 5.27 31.72
C ARG A 222 6.22 5.54 30.22
N PRO A 223 7.29 6.16 29.72
CA PRO A 223 7.31 6.40 28.27
C PRO A 223 7.26 5.08 27.52
N ASP A 224 6.60 5.13 26.36
CA ASP A 224 6.33 3.94 25.58
C ASP A 224 7.57 3.06 25.35
N GLU A 225 8.69 3.69 25.00
CA GLU A 225 9.95 2.96 24.81
C GLU A 225 10.37 2.17 26.04
N GLN A 226 10.23 2.77 27.22
CA GLN A 226 10.58 2.06 28.44
C GLN A 226 9.61 0.90 28.65
N LEU A 227 8.33 1.15 28.41
CA LEU A 227 7.31 0.12 28.59
C LEU A 227 7.62 -1.09 27.70
N LEU A 228 7.94 -0.80 26.43
CA LEU A 228 8.26 -1.86 25.50
C LEU A 228 9.43 -2.70 25.99
N MET A 229 10.49 -2.03 26.41
CA MET A 229 11.67 -2.75 26.89
C MET A 229 11.32 -3.63 28.09
N GLU A 230 10.59 -3.08 29.06
CA GLU A 230 10.17 -3.87 30.23
C GLU A 230 9.27 -5.05 29.87
N MET A 231 8.26 -4.82 29.03
CA MET A 231 7.36 -5.91 28.67
C MET A 231 8.10 -7.03 27.90
N SER A 232 9.10 -6.68 27.09
CA SER A 232 9.77 -7.68 26.25
C SER A 232 10.43 -8.78 27.08
N GLN A 233 10.69 -8.48 28.35
CA GLN A 233 11.33 -9.46 29.25
C GLN A 233 10.49 -10.70 29.57
N GLY A 234 9.22 -10.71 29.15
CA GLY A 234 8.41 -11.92 29.31
C GLY A 234 7.04 -11.68 29.92
N GLY A 235 6.23 -12.73 29.94
CA GLY A 235 4.86 -12.62 30.39
C GLY A 235 3.90 -12.55 29.21
N PHE A 236 2.66 -12.13 29.48
CA PHE A 236 1.61 -12.09 28.47
C PHE A 236 0.94 -10.74 28.46
N GLY A 237 0.49 -10.32 27.27
CA GLY A 237 -0.21 -9.06 27.12
C GLY A 237 -1.70 -9.30 27.01
N LEU A 238 -2.48 -8.63 27.88
CA LEU A 238 -3.93 -8.81 27.89
C LEU A 238 -4.66 -7.67 27.20
N VAL A 239 -5.48 -8.01 26.21
CA VAL A 239 -6.35 -6.99 25.58
C VAL A 239 -7.75 -7.34 26.02
N TRP A 240 -8.41 -6.43 26.74
CA TRP A 240 -9.70 -6.78 27.33
C TRP A 240 -10.55 -5.54 27.56
N MET A 241 -11.86 -5.71 27.44
CA MET A 241 -12.79 -4.60 27.62
C MET A 241 -13.84 -4.97 28.66
N ASP A 242 -14.49 -3.96 29.23
CA ASP A 242 -15.59 -4.18 30.16
C ASP A 242 -16.82 -4.66 29.42
N ASP A 243 -17.77 -5.24 30.15
CA ASP A 243 -19.03 -5.69 29.57
C ASP A 243 -19.73 -4.61 28.75
N LYS A 244 -19.69 -3.36 29.22
CA LYS A 244 -20.31 -2.26 28.49
C LYS A 244 -19.70 -2.02 27.10
N ASP A 245 -18.48 -2.51 26.90
CA ASP A 245 -17.73 -2.20 25.68
C ASP A 245 -17.55 -3.37 24.73
N LYS A 246 -18.27 -4.46 24.98
CA LYS A 246 -18.11 -5.68 24.17
C LYS A 246 -18.49 -5.49 22.69
N GLU A 247 -19.55 -4.74 22.42
CA GLU A 247 -19.90 -4.46 21.05
C GLU A 247 -18.76 -3.73 20.29
N TYR A 248 -18.19 -2.70 20.90
CA TYR A 248 -17.11 -1.94 20.26
C TYR A 248 -15.88 -2.82 20.02
N GLN A 249 -15.68 -3.76 20.92
CA GLN A 249 -14.58 -4.70 20.84
C GLN A 249 -14.59 -5.47 19.53
N SER A 250 -15.78 -5.88 19.09
CA SER A 250 -15.91 -6.63 17.85
C SER A 250 -15.70 -5.73 16.63
N LEU A 251 -15.45 -4.45 16.89
CA LEU A 251 -15.39 -3.44 15.82
C LEU A 251 -14.04 -2.74 15.68
N TYR A 252 -13.42 -2.41 16.81
CA TYR A 252 -12.26 -1.50 16.83
C TYR A 252 -10.90 -2.21 16.69
N CYS A 253 -9.83 -1.43 16.54
CA CYS A 253 -8.46 -1.95 16.64
C CYS A 253 -7.83 -1.48 17.96
N SER A 254 -7.30 -2.42 18.74
CA SER A 254 -6.68 -2.08 20.02
C SER A 254 -5.26 -1.57 19.81
N TYR A 255 -4.92 -0.44 20.41
CA TYR A 255 -3.57 0.08 20.33
C TYR A 255 -2.59 -0.73 21.17
N LYS A 256 -3.01 -1.18 22.35
CA LYS A 256 -2.09 -1.91 23.23
C LYS A 256 -1.77 -3.29 22.64
N LEU A 257 -2.68 -3.84 21.85
CA LEU A 257 -2.40 -5.08 21.12
C LEU A 257 -1.11 -4.94 20.29
N GLY A 258 -1.02 -3.87 19.50
CA GLY A 258 0.17 -3.57 18.74
C GLY A 258 1.40 -3.39 19.60
N SER A 259 1.21 -2.75 20.75
CA SER A 259 2.30 -2.51 21.70
C SER A 259 2.89 -3.80 22.26
N PHE A 260 2.03 -4.74 22.68
CA PHE A 260 2.49 -6.04 23.20
C PHE A 260 3.30 -6.76 22.13
N LEU A 261 2.74 -6.84 20.93
CA LEU A 261 3.40 -7.55 19.85
C LEU A 261 4.74 -6.90 19.46
N ALA A 262 4.76 -5.58 19.36
CA ALA A 262 6.02 -4.86 19.13
C ALA A 262 7.05 -5.12 20.24
N ALA A 263 6.59 -5.28 21.49
CA ALA A 263 7.48 -5.60 22.60
C ALA A 263 8.03 -7.03 22.47
N GLY A 264 7.34 -7.86 21.69
CA GLY A 264 7.78 -9.23 21.47
C GLY A 264 7.22 -10.27 22.41
N ILE A 265 6.03 -10.03 22.97
CA ILE A 265 5.39 -11.05 23.79
C ILE A 265 4.01 -11.38 23.24
N PRO A 266 3.53 -12.60 23.52
CA PRO A 266 2.23 -13.05 22.99
C PRO A 266 1.08 -12.44 23.76
N VAL A 267 -0.11 -12.48 23.16
CA VAL A 267 -1.24 -11.78 23.72
C VAL A 267 -2.39 -12.71 24.06
N ILE A 268 -3.30 -12.19 24.87
CA ILE A 268 -4.50 -12.90 25.23
C ILE A 268 -5.66 -11.97 24.90
N VAL A 269 -6.59 -12.44 24.06
CA VAL A 269 -7.73 -11.62 23.63
C VAL A 269 -9.05 -12.40 23.69
N GLN A 270 -10.18 -11.69 23.74
CA GLN A 270 -11.47 -12.38 23.82
C GLN A 270 -12.05 -12.75 22.47
N GLU A 271 -12.67 -13.92 22.42
CA GLU A 271 -13.43 -14.35 21.25
C GLU A 271 -14.31 -13.23 20.73
N GLY A 272 -14.29 -13.01 19.42
CA GLY A 272 -15.12 -11.99 18.81
C GLY A 272 -14.46 -10.65 18.60
N ILE A 273 -13.26 -10.47 19.14
CA ILE A 273 -12.53 -9.23 18.93
C ILE A 273 -12.32 -9.00 17.42
N ALA A 274 -12.46 -7.76 16.97
CA ALA A 274 -12.31 -7.47 15.54
C ALA A 274 -10.97 -7.98 15.02
N ASN A 275 -10.93 -8.48 13.79
CA ASN A 275 -9.68 -8.87 13.14
C ASN A 275 -8.94 -10.00 13.87
N GLN A 276 -9.70 -10.89 14.50
CA GLN A 276 -9.08 -11.90 15.36
C GLN A 276 -8.26 -12.92 14.54
N GLU A 277 -8.56 -13.03 13.25
CA GLU A 277 -7.85 -13.99 12.39
C GLU A 277 -6.36 -13.64 12.26
N LEU A 278 -6.02 -12.37 12.47
CA LEU A 278 -4.61 -11.95 12.47
C LEU A 278 -3.85 -12.66 13.56
N ILE A 279 -4.47 -12.77 14.73
CA ILE A 279 -3.89 -13.46 15.89
C ILE A 279 -3.79 -14.96 15.61
N GLU A 280 -4.90 -15.56 15.21
CA GLU A 280 -4.93 -16.99 14.89
C GLU A 280 -3.94 -17.38 13.81
N ASN A 281 -4.04 -16.72 12.66
CA ASN A 281 -3.23 -17.08 11.50
C ASN A 281 -1.75 -16.86 11.69
N ASN A 282 -1.37 -15.96 12.59
CA ASN A 282 0.06 -15.73 12.82
C ASN A 282 0.59 -16.31 14.12
N GLY A 283 -0.27 -17.03 14.85
CA GLY A 283 0.13 -17.72 16.07
C GLY A 283 0.63 -16.78 17.14
N LEU A 284 -0.05 -15.65 17.32
CA LEU A 284 0.43 -14.56 18.17
C LEU A 284 -0.04 -14.64 19.62
N GLY A 285 -0.91 -15.59 19.94
CA GLY A 285 -1.38 -15.73 21.30
C GLY A 285 -2.63 -16.56 21.38
N TRP A 286 -3.44 -16.31 22.40
CA TRP A 286 -4.65 -17.10 22.64
C TRP A 286 -5.90 -16.24 22.54
N ILE A 287 -6.91 -16.78 21.88
CA ILE A 287 -8.24 -16.19 21.90
C ILE A 287 -9.06 -16.99 22.90
N VAL A 288 -9.54 -16.32 23.94
CA VAL A 288 -10.22 -17.05 25.01
C VAL A 288 -11.66 -16.61 25.17
N LYS A 289 -12.44 -17.44 25.87
CA LYS A 289 -13.84 -17.17 26.13
C LYS A 289 -14.01 -16.11 27.21
N ASP A 290 -13.22 -16.22 28.27
CA ASP A 290 -13.34 -15.32 29.41
C ASP A 290 -12.04 -15.27 30.21
N VAL A 291 -11.99 -14.41 31.20
CA VAL A 291 -10.76 -14.21 31.96
C VAL A 291 -10.33 -15.51 32.62
N GLU A 292 -11.30 -16.28 33.11
CA GLU A 292 -11.01 -17.55 33.76
C GLU A 292 -10.22 -18.49 32.84
N GLU A 293 -10.58 -18.55 31.57
CA GLU A 293 -9.84 -19.38 30.62
C GLU A 293 -8.40 -18.88 30.42
N ALA A 294 -8.23 -17.56 30.36
CA ALA A 294 -6.91 -16.97 30.24
C ALA A 294 -6.03 -17.33 31.44
N ILE A 295 -6.59 -17.32 32.64
CA ILE A 295 -5.82 -17.64 33.82
C ILE A 295 -5.38 -19.09 33.76
N MET A 296 -6.26 -19.96 33.29
CA MET A 296 -5.96 -21.39 33.19
C MET A 296 -4.82 -21.65 32.19
N LYS A 297 -4.84 -20.93 31.07
CA LYS A 297 -3.79 -21.08 30.06
C LYS A 297 -2.43 -20.59 30.58
N VAL A 298 -2.42 -19.47 31.30
CA VAL A 298 -1.18 -18.92 31.82
C VAL A 298 -0.58 -19.84 32.89
N LYS A 299 -1.45 -20.46 33.69
CA LYS A 299 -1.01 -21.38 34.73
C LYS A 299 -0.47 -22.69 34.15
N ASN A 300 -0.95 -23.04 32.96
CA ASN A 300 -0.72 -24.38 32.41
C ASN A 300 0.24 -24.45 31.23
N VAL A 301 0.61 -23.29 30.69
CA VAL A 301 1.52 -23.27 29.56
C VAL A 301 2.91 -23.76 29.98
N ASN A 302 3.57 -24.53 29.12
CA ASN A 302 4.93 -24.94 29.44
C ASN A 302 5.96 -24.14 28.67
N GLU A 303 7.22 -24.28 29.06
CA GLU A 303 8.30 -23.52 28.46
C GLU A 303 8.36 -23.64 26.95
N ASP A 304 8.23 -24.84 26.41
CA ASP A 304 8.34 -25.03 24.96
C ASP A 304 7.25 -24.28 24.20
N GLU A 305 6.03 -24.37 24.70
CA GLU A 305 4.89 -23.72 24.08
C GLU A 305 5.05 -22.20 24.11
N TYR A 306 5.68 -21.69 25.16
CA TYR A 306 5.87 -20.26 25.30
C TYR A 306 6.96 -19.79 24.35
N ILE A 307 8.07 -20.53 24.30
CA ILE A 307 9.12 -20.22 23.33
C ILE A 307 8.56 -20.16 21.92
N GLU A 308 7.64 -21.06 21.60
CA GLU A 308 7.04 -21.08 20.27
C GLU A 308 6.23 -19.80 20.01
N LEU A 309 5.35 -19.45 20.94
CA LEU A 309 4.55 -18.21 20.83
C LEU A 309 5.44 -17.01 20.61
N VAL A 310 6.50 -16.93 21.41
CA VAL A 310 7.43 -15.81 21.35
C VAL A 310 8.14 -15.76 20.00
N LYS A 311 8.47 -16.93 19.48
CA LYS A 311 9.06 -17.03 18.14
C LYS A 311 8.10 -16.51 17.07
N ASN A 312 6.84 -16.92 17.15
CA ASN A 312 5.83 -16.41 16.22
C ASN A 312 5.67 -14.89 16.30
N VAL A 313 5.57 -14.38 17.51
CA VAL A 313 5.40 -12.93 17.68
C VAL A 313 6.57 -12.15 17.06
N ARG A 314 7.80 -12.56 17.35
CA ARG A 314 8.96 -11.81 16.94
C ARG A 314 9.31 -12.04 15.47
N SER A 315 8.75 -13.08 14.91
CA SER A 315 8.82 -13.29 13.48
C SER A 315 7.87 -12.32 12.79
N PHE A 316 6.73 -12.08 13.43
CA PHE A 316 5.68 -11.24 12.85
C PHE A 316 5.92 -9.75 13.07
N ASN A 317 6.45 -9.38 14.24
CA ASN A 317 6.44 -7.98 14.64
C ASN A 317 7.30 -6.96 13.85
N PRO A 318 8.17 -7.42 12.93
CA PRO A 318 8.82 -6.37 12.13
C PRO A 318 7.79 -5.55 11.33
N ILE A 319 6.67 -6.17 10.99
CA ILE A 319 5.61 -5.49 10.25
C ILE A 319 5.11 -4.30 11.09
N LEU A 320 5.00 -4.52 12.39
CA LEU A 320 4.55 -3.51 13.34
C LEU A 320 5.60 -2.44 13.63
N ARG A 321 6.84 -2.89 13.88
CA ARG A 321 7.93 -1.99 14.27
C ARG A 321 8.37 -1.09 13.13
N LYS A 322 8.10 -1.51 11.90
CA LYS A 322 8.41 -0.68 10.73
C LYS A 322 7.16 -0.01 10.15
N GLY A 323 6.02 -0.17 10.81
CA GLY A 323 4.81 0.56 10.44
C GLY A 323 4.15 0.17 9.12
N PHE A 324 4.14 -1.11 8.80
CA PHE A 324 3.56 -1.55 7.50
C PHE A 324 2.04 -1.64 7.42
N PHE A 325 1.35 -1.91 8.53
CA PHE A 325 -0.11 -1.82 8.47
C PHE A 325 -0.49 -0.38 8.10
N THR A 326 0.28 0.57 8.61
CA THR A 326 0.01 1.98 8.37
C THR A 326 0.48 2.41 6.98
N ARG A 327 1.65 1.96 6.55
CA ARG A 327 2.12 2.30 5.20
C ARG A 327 1.12 1.77 4.18
N ARG A 328 0.58 0.59 4.42
CA ARG A 328 -0.29 0.02 3.39
C ARG A 328 -1.64 0.74 3.34
N LEU A 329 -2.18 1.16 4.48
CA LEU A 329 -3.46 1.87 4.43
C LEU A 329 -3.31 3.29 3.87
N LEU A 330 -2.19 3.94 4.20
CA LEU A 330 -1.91 5.29 3.72
C LEU A 330 -1.66 5.31 2.21
N THR A 331 -1.14 4.22 1.69
CA THR A 331 -0.85 4.15 0.27
C THR A 331 -2.09 3.73 -0.52
N GLU A 332 -2.77 2.70 -0.05
CA GLU A 332 -3.96 2.15 -0.73
C GLU A 332 -5.14 3.14 -0.73
N SER A 333 -5.35 3.81 0.40
CA SER A 333 -6.47 4.75 0.45
C SER A 333 -6.26 5.89 -0.54
N VAL A 334 -5.03 6.39 -0.65
CA VAL A 334 -4.79 7.48 -1.59
C VAL A 334 -5.02 6.99 -3.02
N PHE A 335 -4.53 5.80 -3.29
CA PHE A 335 -4.74 5.18 -4.59
C PHE A 335 -6.23 5.08 -4.92
N GLN A 336 -6.99 4.50 -3.99
CA GLN A 336 -8.45 4.34 -4.18
C GLN A 336 -9.14 5.69 -4.35
N ALA A 337 -8.63 6.70 -3.68
CA ALA A 337 -9.25 8.04 -3.74
C ALA A 337 -9.18 8.63 -5.15
N ILE A 338 -8.08 8.35 -5.84
CA ILE A 338 -7.90 8.86 -7.19
C ILE A 338 -8.60 7.96 -8.21
N CYS A 339 -8.72 6.69 -7.85
CA CYS A 339 -9.54 5.69 -8.55
C CYS A 339 -8.68 4.64 -9.22
N CYS B 10 16.58 -5.81 12.68
CA CYS B 10 16.09 -4.58 12.05
C CYS B 10 15.96 -4.82 10.55
N MET B 11 14.77 -4.91 9.97
CA MET B 11 14.45 -5.57 8.69
C MET B 11 14.65 -4.34 7.72
N ARG B 12 15.06 -4.53 6.47
CA ARG B 12 15.50 -3.39 5.62
C ARG B 12 14.88 -4.14 4.40
N VAL B 13 14.32 -3.37 3.47
CA VAL B 13 13.82 -3.93 2.24
C VAL B 13 14.79 -3.60 1.10
N TYR B 14 15.22 -4.61 0.35
CA TYR B 14 16.10 -4.39 -0.78
C TYR B 14 15.36 -4.67 -2.08
N ILE B 15 15.77 -4.04 -3.17
CA ILE B 15 15.17 -4.29 -4.47
C ILE B 15 16.25 -4.36 -5.55
N THR B 16 16.19 -5.37 -6.41
CA THR B 16 17.19 -5.49 -7.47
C THR B 16 16.90 -4.49 -8.58
N ASN B 17 17.92 -4.13 -9.34
CA ASN B 17 17.80 -3.09 -10.35
C ASN B 17 18.91 -3.21 -11.38
N ILE B 18 18.55 -3.42 -12.64
CA ILE B 18 19.57 -3.61 -13.68
C ILE B 18 20.21 -2.31 -14.16
N ASN B 19 21.39 -2.44 -14.76
CA ASN B 19 22.20 -1.31 -15.17
C ASN B 19 23.04 -1.83 -16.35
N GLY B 20 23.43 -0.95 -17.27
CA GLY B 20 24.29 -1.38 -18.35
C GLY B 20 23.60 -1.62 -19.69
N GLN B 21 22.28 -1.63 -19.70
CA GLN B 21 21.57 -1.74 -20.98
C GLN B 21 21.56 -0.41 -21.73
N SER B 22 21.16 -0.45 -23.00
CA SER B 22 21.04 0.76 -23.80
C SER B 22 20.04 1.73 -23.17
N ILE B 23 20.26 3.03 -23.38
CA ILE B 23 19.36 4.03 -22.84
C ILE B 23 17.95 3.82 -23.39
N GLN B 24 17.88 3.17 -24.54
CA GLN B 24 16.61 2.95 -25.22
C GLN B 24 15.90 1.68 -24.75
N SER B 25 16.47 1.00 -23.76
CA SER B 25 15.88 -0.24 -23.26
C SER B 25 14.71 0.03 -22.33
N THR B 26 13.52 -0.40 -22.72
CA THR B 26 12.36 -0.18 -21.86
C THR B 26 12.45 -1.03 -20.60
N ALA B 27 13.09 -2.19 -20.72
CA ALA B 27 13.22 -3.10 -19.58
C ALA B 27 13.97 -2.41 -18.47
N GLN B 28 15.10 -1.79 -18.84
CA GLN B 28 15.87 -1.07 -17.83
C GLN B 28 15.13 0.17 -17.32
N LEU B 29 14.43 0.87 -18.22
CA LEU B 29 13.66 2.04 -17.79
C LEU B 29 12.67 1.67 -16.68
N CYS B 30 11.90 0.60 -16.89
CA CYS B 30 10.92 0.16 -15.89
C CYS B 30 11.58 -0.22 -14.57
N GLN B 31 12.64 -1.00 -14.63
CA GLN B 31 13.34 -1.34 -13.37
C GLN B 31 13.86 -0.10 -12.66
N ASN B 32 14.47 0.82 -13.39
CA ASN B 32 15.06 2.00 -12.75
C ASN B 32 13.97 2.90 -12.15
N THR B 33 12.85 3.00 -12.85
CA THR B 33 11.74 3.84 -12.37
C THR B 33 11.15 3.25 -11.10
N VAL B 34 10.96 1.93 -11.09
CA VAL B 34 10.47 1.26 -9.90
C VAL B 34 11.44 1.49 -8.75
N THR B 35 12.73 1.38 -9.05
CA THR B 35 13.72 1.53 -7.98
C THR B 35 13.75 2.96 -7.43
N ASP B 36 13.53 3.94 -8.30
CA ASP B 36 13.51 5.32 -7.85
C ASP B 36 12.37 5.49 -6.84
N VAL B 37 11.23 4.91 -7.14
CA VAL B 37 10.09 4.94 -6.22
C VAL B 37 10.43 4.18 -4.95
N ALA B 38 11.02 2.98 -5.09
CA ALA B 38 11.41 2.21 -3.91
C ALA B 38 12.31 3.03 -3.00
N VAL B 39 13.30 3.66 -3.59
CA VAL B 39 14.26 4.42 -2.80
C VAL B 39 13.51 5.52 -2.03
N SER B 40 12.54 6.15 -2.66
CA SER B 40 11.78 7.21 -1.97
C SER B 40 10.98 6.63 -0.80
N LEU B 41 10.74 5.32 -0.81
CA LEU B 41 10.03 4.65 0.27
C LEU B 41 11.02 4.12 1.28
N GLY B 42 12.29 4.39 1.04
CA GLY B 42 13.33 3.98 1.97
C GLY B 42 13.91 2.58 1.74
N TYR B 43 13.59 1.98 0.60
CA TYR B 43 14.11 0.66 0.22
C TYR B 43 15.51 0.86 -0.35
N ARG B 44 16.28 -0.21 -0.40
CA ARG B 44 17.70 -0.13 -0.80
C ARG B 44 17.93 -0.92 -2.08
N GLU B 45 18.77 -0.40 -2.96
CA GLU B 45 19.03 -1.02 -4.25
C GLU B 45 20.09 -2.12 -4.17
N LEU B 46 19.82 -3.23 -4.85
CA LEU B 46 20.85 -4.23 -5.16
C LEU B 46 21.11 -4.13 -6.66
N GLY B 47 22.15 -3.40 -7.03
CA GLY B 47 22.42 -3.13 -8.43
C GLY B 47 22.93 -4.36 -9.15
N ILE B 48 22.51 -4.52 -10.39
CA ILE B 48 22.93 -5.65 -11.21
C ILE B 48 23.40 -5.16 -12.58
N TYR B 49 24.63 -5.48 -12.96
CA TYR B 49 25.08 -5.02 -14.26
C TYR B 49 24.80 -6.08 -15.32
N CYS B 50 24.36 -5.64 -16.50
CA CYS B 50 24.05 -6.59 -17.57
C CYS B 50 25.30 -6.84 -18.39
N TYR B 51 25.75 -8.09 -18.39
CA TYR B 51 27.00 -8.44 -19.05
C TYR B 51 26.86 -9.85 -19.58
N GLN B 52 27.96 -10.41 -20.08
CA GLN B 52 27.94 -11.74 -20.71
C GLN B 52 28.38 -12.81 -19.70
N ILE B 53 27.41 -13.57 -19.20
CA ILE B 53 27.65 -14.52 -18.11
C ILE B 53 28.66 -15.61 -18.45
N HIS B 54 28.79 -15.94 -19.73
CA HIS B 54 29.70 -17.01 -20.11
C HIS B 54 31.16 -16.61 -19.87
N THR B 55 31.41 -15.32 -19.61
CA THR B 55 32.77 -14.86 -19.35
C THR B 55 33.21 -15.09 -17.90
N ASP B 56 32.27 -15.52 -17.04
CA ASP B 56 32.59 -15.85 -15.65
C ASP B 56 32.82 -17.35 -15.48
N SER B 57 33.81 -17.72 -14.66
CA SER B 57 33.95 -19.09 -14.18
C SER B 57 32.89 -19.29 -13.10
N GLU B 58 32.65 -20.53 -12.71
CA GLU B 58 31.61 -20.76 -11.71
C GLU B 58 31.92 -20.02 -10.41
N SER B 59 33.19 -19.98 -10.01
CA SER B 59 33.55 -19.30 -8.77
C SER B 59 33.52 -17.77 -8.92
N GLU B 60 33.86 -17.27 -10.11
CA GLU B 60 33.81 -15.83 -10.35
C GLU B 60 32.37 -15.35 -10.31
N LEU B 61 31.46 -16.13 -10.88
CA LEU B 61 30.04 -15.73 -10.86
C LEU B 61 29.51 -15.76 -9.43
N SER B 62 29.95 -16.76 -8.66
CA SER B 62 29.51 -16.89 -7.29
C SER B 62 29.93 -15.68 -6.48
N LYS B 63 31.17 -15.23 -6.67
CA LYS B 63 31.67 -14.09 -5.89
C LYS B 63 31.16 -12.75 -6.40
N ARG B 64 30.94 -12.64 -7.71
CA ARG B 64 30.24 -11.46 -8.23
C ARG B 64 28.87 -11.33 -7.57
N LEU B 65 28.16 -12.44 -7.47
CA LEU B 65 26.85 -12.44 -6.78
C LEU B 65 26.99 -12.08 -5.30
N ASP B 66 28.05 -12.58 -4.67
CA ASP B 66 28.33 -12.22 -3.28
C ASP B 66 28.57 -10.71 -3.14
N GLY B 67 29.18 -10.12 -4.14
CA GLY B 67 29.38 -8.68 -4.15
C GLY B 67 28.06 -7.95 -4.24
N ILE B 68 27.16 -8.43 -5.10
CA ILE B 68 25.84 -7.84 -5.25
C ILE B 68 25.04 -7.89 -3.95
N VAL B 69 25.07 -9.04 -3.27
CA VAL B 69 24.24 -9.26 -2.08
C VAL B 69 24.98 -8.96 -0.77
N ALA B 70 26.14 -8.32 -0.85
CA ALA B 70 27.00 -8.12 0.31
C ALA B 70 26.31 -7.44 1.50
N GLY B 71 25.38 -6.52 1.22
CA GLY B 71 24.73 -5.75 2.28
C GLY B 71 23.58 -6.47 2.96
N LEU B 72 23.18 -7.62 2.44
CA LEU B 72 21.98 -8.29 2.94
C LEU B 72 22.23 -8.92 4.30
N ARG B 73 21.16 -9.06 5.07
CA ARG B 73 21.21 -9.72 6.37
C ARG B 73 19.99 -10.58 6.57
N HIS B 74 20.10 -11.60 7.39
CA HIS B 74 18.94 -12.37 7.80
C HIS B 74 17.89 -11.40 8.34
N GLY B 75 16.63 -11.63 8.00
CA GLY B 75 15.59 -10.76 8.53
C GLY B 75 15.16 -9.66 7.56
N ASP B 76 15.94 -9.46 6.50
CA ASP B 76 15.57 -8.50 5.46
C ASP B 76 14.48 -9.07 4.55
N VAL B 77 13.99 -8.22 3.66
CA VAL B 77 13.10 -8.63 2.59
C VAL B 77 13.72 -8.18 1.27
N VAL B 78 13.69 -9.02 0.25
CA VAL B 78 14.29 -8.65 -1.02
C VAL B 78 13.26 -8.75 -2.14
N ILE B 79 13.17 -7.69 -2.94
CA ILE B 79 12.31 -7.70 -4.11
C ILE B 79 13.17 -7.95 -5.37
N PHE B 80 12.91 -9.07 -6.02
CA PHE B 80 13.66 -9.50 -7.20
C PHE B 80 12.85 -9.10 -8.42
N GLN B 81 13.30 -8.06 -9.13
CA GLN B 81 12.67 -7.65 -10.38
C GLN B 81 13.18 -8.57 -11.49
N THR B 82 12.30 -9.38 -12.06
CA THR B 82 12.71 -10.42 -13.02
C THR B 82 12.10 -10.18 -14.40
N PRO B 83 12.89 -10.43 -15.45
CA PRO B 83 14.22 -11.04 -15.39
C PRO B 83 15.35 -10.01 -15.32
N THR B 84 16.57 -10.45 -15.04
CA THR B 84 17.72 -9.54 -15.00
C THR B 84 18.25 -9.29 -16.41
N TRP B 85 17.79 -10.11 -17.34
CA TRP B 85 18.30 -10.12 -18.71
C TRP B 85 19.77 -10.54 -18.81
N ASN B 86 20.25 -11.22 -17.78
CA ASN B 86 21.57 -11.87 -17.82
C ASN B 86 21.48 -13.37 -18.16
N THR B 87 20.31 -13.77 -18.65
CA THR B 87 19.95 -15.16 -18.98
C THR B 87 19.41 -15.91 -17.76
N THR B 88 18.68 -16.99 -18.01
CA THR B 88 17.98 -17.72 -16.97
C THR B 88 18.96 -18.23 -15.90
N GLU B 89 20.17 -18.55 -16.32
CA GLU B 89 21.15 -19.10 -15.39
C GLU B 89 21.47 -18.06 -14.34
N PHE B 90 21.57 -16.81 -14.75
CA PHE B 90 21.88 -15.76 -13.81
C PHE B 90 20.73 -15.59 -12.82
N ASP B 91 19.50 -15.67 -13.31
CA ASP B 91 18.33 -15.48 -12.46
C ASP B 91 18.19 -16.62 -11.46
N GLU B 92 18.39 -17.86 -11.93
CA GLU B 92 18.38 -19.01 -11.04
C GLU B 92 19.44 -18.90 -9.95
N LYS B 93 20.66 -18.55 -10.33
CA LYS B 93 21.76 -18.51 -9.38
C LYS B 93 21.63 -17.34 -8.40
N LEU B 94 21.03 -16.25 -8.86
CA LEU B 94 20.74 -15.14 -7.95
C LEU B 94 19.71 -15.58 -6.91
N MET B 95 18.66 -16.24 -7.36
CA MET B 95 17.62 -16.70 -6.44
C MET B 95 18.21 -17.70 -5.46
N ASN B 96 19.09 -18.58 -5.94
CA ASN B 96 19.80 -19.48 -5.03
C ASN B 96 20.57 -18.75 -3.91
N LYS B 97 21.31 -17.71 -4.25
CA LYS B 97 22.04 -16.92 -3.25
C LYS B 97 21.09 -16.36 -2.22
N LEU B 98 19.99 -15.78 -2.71
CA LEU B 98 19.03 -15.15 -1.83
C LEU B 98 18.47 -16.16 -0.84
N LYS B 99 18.25 -17.38 -1.32
CA LYS B 99 17.68 -18.41 -0.49
C LYS B 99 18.63 -18.90 0.61
N LEU B 100 19.91 -18.52 0.54
CA LEU B 100 20.85 -18.82 1.61
C LEU B 100 20.64 -17.95 2.84
N TYR B 101 19.89 -16.86 2.68
CA TYR B 101 19.60 -15.96 3.79
C TYR B 101 18.23 -16.26 4.36
N ASP B 102 18.05 -15.96 5.64
CA ASP B 102 16.76 -16.10 6.28
C ASP B 102 15.95 -14.84 6.00
N ILE B 103 15.45 -14.73 4.76
CA ILE B 103 14.73 -13.55 4.31
C ILE B 103 13.46 -13.98 3.58
N LYS B 104 12.56 -13.03 3.38
CA LYS B 104 11.40 -13.26 2.53
C LYS B 104 11.68 -12.64 1.16
N ILE B 105 11.20 -13.30 0.12
CA ILE B 105 11.50 -12.87 -1.23
C ILE B 105 10.23 -12.54 -1.99
N VAL B 106 10.18 -11.33 -2.55
CA VAL B 106 9.09 -10.94 -3.43
C VAL B 106 9.63 -11.01 -4.85
N LEU B 107 8.92 -11.75 -5.69
CA LEU B 107 9.29 -11.89 -7.09
C LEU B 107 8.38 -10.93 -7.85
N PHE B 108 8.98 -9.93 -8.48
CA PHE B 108 8.20 -8.89 -9.17
C PHE B 108 8.42 -9.09 -10.66
N ILE B 109 7.42 -9.66 -11.33
CA ILE B 109 7.53 -10.06 -12.73
C ILE B 109 7.35 -8.87 -13.68
N HIS B 110 8.41 -8.52 -14.39
CA HIS B 110 8.36 -7.51 -15.45
C HIS B 110 8.03 -8.19 -16.79
N ASP B 111 8.56 -9.39 -16.96
CA ASP B 111 8.35 -10.14 -18.18
C ASP B 111 8.54 -11.61 -17.87
N VAL B 112 7.91 -12.47 -18.66
CA VAL B 112 8.11 -13.91 -18.56
C VAL B 112 8.68 -14.35 -19.91
N VAL B 113 10.01 -14.44 -19.97
CA VAL B 113 10.70 -14.58 -21.25
C VAL B 113 10.24 -15.81 -22.06
N PRO B 114 10.00 -16.96 -21.40
CA PRO B 114 9.52 -18.12 -22.15
C PRO B 114 8.14 -17.92 -22.81
N LEU B 115 7.36 -16.93 -22.38
CA LEU B 115 6.08 -16.68 -23.02
C LEU B 115 6.19 -15.59 -24.09
N MET B 116 7.30 -14.87 -24.08
CA MET B 116 7.56 -13.85 -25.10
C MET B 116 7.95 -14.50 -26.41
N ASN B 120 11.34 -19.17 -26.64
CA ASN B 120 12.18 -19.73 -25.60
C ASN B 120 11.35 -20.49 -24.58
N PHE B 121 10.26 -21.04 -25.08
CA PHE B 121 9.28 -21.75 -24.29
C PHE B 121 9.92 -22.87 -23.48
N TYR B 122 10.98 -23.47 -24.03
CA TYR B 122 11.60 -24.62 -23.38
C TYR B 122 12.20 -24.29 -22.01
N LEU B 123 12.41 -23.00 -21.75
CA LEU B 123 12.98 -22.57 -20.48
C LEU B 123 11.93 -22.34 -19.38
N MET B 124 10.68 -22.68 -19.69
CA MET B 124 9.58 -22.46 -18.75
C MET B 124 9.76 -23.25 -17.46
N ASP B 125 10.12 -24.53 -17.58
CA ASP B 125 10.27 -25.36 -16.39
C ASP B 125 11.32 -24.82 -15.42
N ARG B 126 12.47 -24.41 -15.94
CA ARG B 126 13.52 -23.85 -15.10
C ARG B 126 13.05 -22.53 -14.51
N THR B 127 12.34 -21.75 -15.32
CA THR B 127 11.80 -20.47 -14.84
C THR B 127 10.79 -20.65 -13.69
N ILE B 128 9.80 -21.51 -13.92
CA ILE B 128 8.84 -21.86 -12.87
C ILE B 128 9.54 -22.40 -11.61
N ALA B 129 10.59 -23.19 -11.82
CA ALA B 129 11.31 -23.74 -10.67
C ALA B 129 11.89 -22.64 -9.76
N TYR B 130 12.44 -21.58 -10.34
CA TYR B 130 13.01 -20.55 -9.48
C TYR B 130 11.97 -19.56 -9.00
N TYR B 131 10.92 -19.35 -9.79
CA TYR B 131 9.76 -18.57 -9.32
C TYR B 131 9.23 -19.14 -8.01
N ASN B 132 9.11 -20.47 -7.94
CA ASN B 132 8.50 -21.13 -6.78
C ASN B 132 9.28 -20.99 -5.49
N LYS B 133 10.51 -20.47 -5.57
CA LYS B 133 11.30 -20.23 -4.39
C LYS B 133 10.91 -18.91 -3.69
N ALA B 134 10.09 -18.11 -4.35
CA ALA B 134 9.67 -16.84 -3.77
C ALA B 134 8.52 -16.99 -2.79
N ASP B 135 8.35 -16.01 -1.91
CA ASP B 135 7.26 -16.02 -0.92
C ASP B 135 6.00 -15.31 -1.42
N VAL B 136 6.20 -14.29 -2.25
CA VAL B 136 5.09 -13.54 -2.83
C VAL B 136 5.45 -13.27 -4.27
N VAL B 137 4.46 -13.31 -5.15
CA VAL B 137 4.70 -12.95 -6.54
C VAL B 137 3.83 -11.75 -6.91
N VAL B 138 4.45 -10.74 -7.48
CA VAL B 138 3.71 -9.64 -8.08
C VAL B 138 3.69 -9.89 -9.58
N ALA B 139 2.49 -9.96 -10.16
CA ALA B 139 2.38 -10.26 -11.58
C ALA B 139 1.58 -9.16 -12.27
N PRO B 140 1.77 -9.00 -13.58
CA PRO B 140 1.07 -7.90 -14.25
C PRO B 140 -0.46 -7.99 -14.15
N SER B 141 -1.00 -9.20 -14.18
CA SER B 141 -2.45 -9.39 -14.25
C SER B 141 -2.87 -10.71 -13.64
N GLN B 142 -4.15 -10.81 -13.27
CA GLN B 142 -4.67 -12.06 -12.74
C GLN B 142 -4.60 -13.18 -13.81
N LYS B 143 -4.76 -12.80 -15.08
CA LYS B 143 -4.65 -13.77 -16.16
C LYS B 143 -3.24 -14.38 -16.23
N MET B 144 -2.22 -13.55 -16.00
CA MET B 144 -0.84 -14.04 -16.01
C MET B 144 -0.59 -14.99 -14.84
N ILE B 145 -1.12 -14.64 -13.66
CA ILE B 145 -1.06 -15.54 -12.51
C ILE B 145 -1.68 -16.89 -12.83
N ASP B 146 -2.89 -16.88 -13.37
CA ASP B 146 -3.59 -18.11 -13.74
C ASP B 146 -2.79 -18.92 -14.74
N LYS B 147 -2.20 -18.23 -15.71
CA LYS B 147 -1.37 -18.87 -16.73
C LYS B 147 -0.16 -19.55 -16.10
N LEU B 148 0.53 -18.84 -15.22
CA LEU B 148 1.71 -19.38 -14.57
C LEU B 148 1.35 -20.58 -13.70
N ARG B 149 0.17 -20.53 -13.08
CA ARG B 149 -0.27 -21.65 -12.27
C ARG B 149 -0.50 -22.91 -13.13
N ASP B 150 -0.93 -22.72 -14.37
CA ASP B 150 -1.12 -23.84 -15.28
C ASP B 150 0.23 -24.45 -15.68
N PHE B 151 1.31 -23.70 -15.46
CA PHE B 151 2.66 -24.21 -15.73
C PHE B 151 3.40 -24.64 -14.46
N GLY B 152 2.69 -24.65 -13.34
CA GLY B 152 3.25 -25.22 -12.12
C GLY B 152 3.62 -24.23 -11.03
N MET B 153 3.45 -22.93 -11.28
CA MET B 153 3.78 -21.99 -10.22
C MET B 153 2.81 -22.18 -9.06
N ASN B 154 3.35 -22.33 -7.86
CA ASN B 154 2.52 -22.60 -6.71
C ASN B 154 2.71 -21.64 -5.53
N VAL B 155 3.38 -20.52 -5.78
CA VAL B 155 3.50 -19.50 -4.72
C VAL B 155 2.10 -19.09 -4.31
N SER B 156 1.84 -19.12 -3.00
CA SER B 156 0.47 -18.93 -2.49
C SER B 156 0.01 -17.47 -2.47
N LYS B 157 0.92 -16.55 -2.18
CA LYS B 157 0.54 -15.14 -2.10
C LYS B 157 0.89 -14.41 -3.37
N THR B 158 -0.10 -13.75 -3.94
CA THR B 158 0.12 -13.01 -5.18
C THR B 158 -0.50 -11.63 -5.09
N VAL B 159 0.06 -10.70 -5.87
CA VAL B 159 -0.38 -9.31 -5.91
C VAL B 159 -0.43 -8.94 -7.38
N VAL B 160 -1.50 -8.28 -7.80
CA VAL B 160 -1.61 -7.87 -9.20
C VAL B 160 -1.12 -6.44 -9.35
N GLN B 161 -0.22 -6.21 -10.30
CA GLN B 161 0.33 -4.89 -10.56
C GLN B 161 -0.73 -3.94 -11.13
N GLY B 162 -1.45 -4.41 -12.15
CA GLY B 162 -2.50 -3.62 -12.78
C GLY B 162 -2.06 -2.75 -13.94
N MET B 163 -1.10 -1.85 -13.69
CA MET B 163 -0.66 -0.86 -14.69
C MET B 163 0.76 -0.37 -14.33
N TRP B 164 1.59 -0.08 -15.33
CA TRP B 164 2.83 0.65 -15.10
C TRP B 164 2.50 2.10 -14.78
N ASP B 165 3.21 2.67 -13.83
CA ASP B 165 3.17 4.12 -13.62
C ASP B 165 4.03 4.83 -14.66
N HIS B 166 4.10 6.15 -14.52
CA HIS B 166 4.93 6.92 -15.41
C HIS B 166 5.26 8.27 -14.75
N PRO B 167 6.05 8.23 -13.67
CA PRO B 167 6.40 9.44 -12.94
C PRO B 167 6.96 10.51 -13.86
N THR B 168 6.47 11.73 -13.72
CA THR B 168 6.87 12.80 -14.61
C THR B 168 6.31 14.13 -14.14
N GLN B 169 6.94 15.21 -14.60
CA GLN B 169 6.46 16.56 -14.35
C GLN B 169 6.19 17.29 -15.66
N ALA B 170 6.12 16.54 -16.76
CA ALA B 170 5.85 17.13 -18.06
C ALA B 170 4.61 18.00 -18.00
N PRO B 171 4.70 19.23 -18.51
CA PRO B 171 3.50 20.07 -18.58
C PRO B 171 2.45 19.40 -19.46
N MET B 172 1.18 19.60 -19.13
CA MET B 172 0.10 19.11 -19.97
C MET B 172 -0.53 20.31 -20.65
N PHE B 173 -0.46 20.34 -21.98
CA PHE B 173 -1.15 21.37 -22.76
C PHE B 173 -2.63 21.04 -22.83
N PRO B 174 -3.48 22.03 -23.13
CA PRO B 174 -4.90 21.79 -23.39
C PRO B 174 -5.06 20.75 -24.49
N ALA B 175 -6.00 19.82 -24.34
CA ALA B 175 -6.17 18.76 -25.34
C ALA B 175 -7.10 19.20 -26.47
N LEU B 177 -8.48 17.84 -29.77
CA LEU B 177 -9.04 16.82 -30.67
C LEU B 177 -8.40 16.79 -32.05
N LYS B 178 -7.14 16.37 -32.11
CA LYS B 178 -6.50 16.06 -33.37
C LYS B 178 -6.87 14.62 -33.73
N ARG B 179 -7.42 14.41 -34.93
CA ARG B 179 -7.79 13.06 -35.33
C ARG B 179 -6.60 12.29 -35.88
N GLU B 180 -5.62 12.09 -35.00
CA GLU B 180 -4.40 11.35 -35.34
C GLU B 180 -4.07 10.39 -34.21
N ILE B 181 -3.08 9.53 -34.43
CA ILE B 181 -2.75 8.47 -33.49
C ILE B 181 -1.24 8.35 -33.29
N HIS B 182 -0.83 8.25 -32.03
CA HIS B 182 0.59 8.16 -31.70
C HIS B 182 0.96 6.71 -31.44
N PHE B 183 2.18 6.32 -31.79
CA PHE B 183 2.68 4.99 -31.46
C PHE B 183 4.19 4.96 -31.19
N PRO B 184 4.59 5.25 -29.94
CA PRO B 184 6.01 5.26 -29.56
C PRO B 184 6.60 3.87 -29.40
N GLY B 185 6.68 3.11 -30.50
CA GLY B 185 7.17 1.75 -30.46
C GLY B 185 8.02 1.34 -31.66
N ASN B 186 8.97 0.45 -31.42
CA ASN B 186 9.88 -0.04 -32.45
C ASN B 186 9.16 -0.89 -33.51
N PRO B 187 9.17 -0.44 -34.77
CA PRO B 187 8.52 -1.14 -35.90
C PRO B 187 9.08 -2.55 -36.14
N GLU B 188 10.30 -2.81 -35.70
CA GLU B 188 10.89 -4.14 -35.84
C GLU B 188 10.17 -5.14 -34.94
N ARG B 189 9.74 -4.68 -33.77
CA ARG B 189 8.98 -5.51 -32.85
C ARG B 189 7.49 -5.49 -33.19
N PHE B 190 7.03 -4.36 -33.73
CA PHE B 190 5.63 -4.19 -34.10
C PHE B 190 5.48 -4.11 -35.62
N SER B 191 5.36 -5.26 -36.26
CA SER B 191 5.30 -5.34 -37.71
C SER B 191 4.08 -4.67 -38.31
N PHE B 192 2.99 -4.59 -37.55
CA PHE B 192 1.76 -4.00 -38.06
C PHE B 192 2.01 -2.56 -38.52
N VAL B 193 3.12 -1.99 -38.02
CA VAL B 193 3.56 -0.65 -38.38
C VAL B 193 3.89 -0.56 -39.87
N LYS B 194 4.72 -1.49 -40.33
CA LYS B 194 5.16 -1.51 -41.73
C LYS B 194 4.04 -1.87 -42.70
N GLU B 195 2.84 -2.10 -42.16
CA GLU B 195 1.70 -2.50 -42.97
C GLU B 195 0.57 -1.49 -42.90
N TRP B 196 0.77 -0.42 -42.14
CA TRP B 196 -0.23 0.62 -42.00
C TRP B 196 -0.71 1.06 -43.38
N LYS B 197 -2.02 1.23 -43.52
CA LYS B 197 -2.62 1.56 -44.81
C LYS B 197 -3.84 2.48 -44.66
N TYR B 198 -4.16 2.84 -43.43
CA TYR B 198 -5.33 3.66 -43.13
C TYR B 198 -5.03 5.15 -43.29
N ASP B 199 -6.06 5.93 -43.59
CA ASP B 199 -5.87 7.35 -43.94
C ASP B 199 -5.65 8.28 -42.75
N ILE B 200 -5.96 7.80 -41.54
CA ILE B 200 -5.69 8.59 -40.33
C ILE B 200 -4.22 8.46 -39.95
N PRO B 201 -3.57 9.59 -39.65
CA PRO B 201 -2.12 9.65 -39.40
C PRO B 201 -1.70 8.78 -38.22
N LEU B 202 -0.62 8.01 -38.41
CA LEU B 202 0.00 7.25 -37.34
C LEU B 202 1.43 7.74 -37.14
N LYS B 203 1.73 8.27 -35.96
CA LYS B 203 3.05 8.81 -35.71
C LYS B 203 3.93 7.81 -34.98
N VAL B 204 4.98 7.36 -35.65
CA VAL B 204 5.85 6.32 -35.09
C VAL B 204 7.15 6.89 -34.54
N TYR B 205 7.30 6.83 -33.23
CA TYR B 205 8.47 7.37 -32.56
C TYR B 205 9.49 6.25 -32.29
N THR B 206 10.54 6.19 -33.12
CA THR B 206 11.52 5.11 -33.02
C THR B 206 12.94 5.52 -33.43
N TRP B 207 13.92 4.85 -32.83
CA TRP B 207 15.33 5.08 -33.17
C TRP B 207 15.68 4.32 -34.44
N GLN B 208 14.76 3.47 -34.89
CA GLN B 208 15.01 2.63 -36.06
C GLN B 208 15.16 3.45 -37.34
N ASN B 209 16.24 3.17 -38.06
CA ASN B 209 16.53 3.84 -39.33
C ASN B 209 15.81 3.15 -40.47
N VAL B 210 14.48 3.18 -40.44
CA VAL B 210 13.68 2.53 -41.48
C VAL B 210 12.63 3.48 -42.04
N GLU B 211 12.34 3.33 -43.33
CA GLU B 211 11.26 4.07 -43.97
C GLU B 211 9.99 3.26 -43.92
N LEU B 212 8.86 3.96 -43.73
CA LEU B 212 7.58 3.30 -43.50
C LEU B 212 6.54 3.78 -44.52
N PRO B 213 5.35 3.14 -44.54
CA PRO B 213 4.26 3.47 -45.47
C PRO B 213 3.89 4.95 -45.53
N GLN B 214 2.85 5.26 -46.30
CA GLN B 214 2.48 6.63 -46.62
C GLN B 214 2.07 7.50 -45.42
N ASN B 215 0.97 7.12 -44.78
CA ASN B 215 0.42 7.92 -43.69
C ASN B 215 1.07 7.64 -42.34
N VAL B 216 2.24 7.02 -42.37
CA VAL B 216 3.03 6.81 -41.17
C VAL B 216 4.16 7.85 -41.11
N HIS B 217 4.10 8.72 -40.12
CA HIS B 217 5.08 9.79 -39.97
C HIS B 217 6.12 9.43 -38.93
N LYS B 218 7.23 8.85 -39.37
CA LYS B 218 8.28 8.43 -38.43
C LYS B 218 8.92 9.63 -37.74
N ILE B 219 9.20 9.46 -36.46
CA ILE B 219 9.83 10.51 -35.67
C ILE B 219 10.92 9.89 -34.82
N ASN B 220 12.04 10.61 -34.68
CA ASN B 220 13.21 10.08 -34.00
C ASN B 220 13.00 9.97 -32.49
N TYR B 221 13.59 8.92 -31.90
CA TYR B 221 13.50 8.68 -30.46
C TYR B 221 13.96 9.93 -29.71
N ARG B 222 13.25 10.27 -28.65
CA ARG B 222 13.57 11.45 -27.87
C ARG B 222 13.39 11.20 -26.39
N PRO B 223 13.69 12.20 -25.55
CA PRO B 223 13.40 12.07 -24.12
C PRO B 223 11.90 11.89 -23.90
N ASP B 224 11.55 11.01 -22.98
CA ASP B 224 10.16 10.76 -22.63
C ASP B 224 9.46 12.08 -22.30
N GLU B 225 10.05 12.85 -21.40
CA GLU B 225 9.49 14.15 -21.01
C GLU B 225 9.05 14.97 -22.22
N GLN B 226 9.85 14.93 -23.29
CA GLN B 226 9.54 15.68 -24.51
C GLN B 226 8.33 15.09 -25.25
N LEU B 227 8.29 13.77 -25.33
CA LEU B 227 7.18 13.05 -25.95
C LEU B 227 5.85 13.46 -25.32
N LEU B 228 5.81 13.43 -23.99
CA LEU B 228 4.57 13.66 -23.25
C LEU B 228 3.96 15.05 -23.45
N MET B 229 4.79 16.09 -23.47
CA MET B 229 4.30 17.44 -23.75
C MET B 229 3.67 17.45 -25.12
N GLU B 230 4.38 16.87 -26.08
CA GLU B 230 3.92 16.86 -27.46
C GLU B 230 2.51 16.26 -27.54
N MET B 231 2.38 15.04 -27.03
CA MET B 231 1.12 14.30 -27.10
C MET B 231 -0.05 14.91 -26.34
N SER B 232 0.24 15.72 -25.32
CA SER B 232 -0.82 16.23 -24.47
C SER B 232 -1.70 17.23 -25.21
N GLN B 233 -1.27 17.61 -26.42
CA GLN B 233 -2.00 18.60 -27.22
C GLN B 233 -3.28 18.04 -27.85
N GLY B 234 -3.42 16.72 -27.86
CA GLY B 234 -4.65 16.13 -28.37
C GLY B 234 -4.46 14.86 -29.20
N GLY B 235 -5.59 14.29 -29.61
CA GLY B 235 -5.57 13.05 -30.36
C GLY B 235 -5.71 11.82 -29.47
N PHE B 236 -5.20 10.69 -29.94
CA PHE B 236 -5.45 9.41 -29.29
C PHE B 236 -4.21 8.55 -29.25
N GLY B 237 -4.07 7.81 -28.15
CA GLY B 237 -2.96 6.90 -27.98
C GLY B 237 -3.37 5.48 -28.32
N LEU B 238 -2.59 4.82 -29.15
CA LEU B 238 -2.87 3.44 -29.56
C LEU B 238 -1.97 2.42 -28.85
N VAL B 239 -2.61 1.49 -28.13
CA VAL B 239 -1.90 0.34 -27.60
C VAL B 239 -2.34 -0.90 -28.39
N TRP B 240 -1.37 -1.59 -28.99
CA TRP B 240 -1.66 -2.65 -29.96
C TRP B 240 -0.47 -3.60 -30.09
N MET B 241 -0.72 -4.88 -30.39
CA MET B 241 0.37 -5.83 -30.58
C MET B 241 0.23 -6.62 -31.87
N ASP B 242 1.34 -7.23 -32.31
CA ASP B 242 1.30 -8.08 -33.50
C ASP B 242 0.49 -9.35 -33.23
N ASP B 243 0.12 -10.05 -34.30
CA ASP B 243 -0.58 -11.32 -34.16
C ASP B 243 0.27 -12.32 -33.42
N LYS B 244 1.58 -12.22 -33.62
CA LYS B 244 2.52 -13.11 -32.96
C LYS B 244 2.43 -12.95 -31.44
N ASP B 245 2.18 -11.73 -30.99
CA ASP B 245 2.31 -11.41 -29.57
C ASP B 245 0.97 -11.28 -28.86
N LYS B 246 -0.11 -11.57 -29.57
CA LYS B 246 -1.44 -11.38 -29.00
C LYS B 246 -1.64 -12.15 -27.70
N GLU B 247 -1.11 -13.37 -27.65
CA GLU B 247 -1.27 -14.19 -26.46
C GLU B 247 -0.57 -13.55 -25.24
N TYR B 248 0.60 -12.96 -25.48
CA TYR B 248 1.35 -12.30 -24.41
C TYR B 248 0.73 -10.95 -24.02
N GLN B 249 0.15 -10.26 -25.00
CA GLN B 249 -0.50 -8.97 -24.75
C GLN B 249 -1.65 -9.11 -23.77
N SER B 250 -2.32 -10.26 -23.77
CA SER B 250 -3.45 -10.47 -22.88
C SER B 250 -3.00 -10.80 -21.47
N LEU B 251 -1.68 -10.81 -21.25
CA LEU B 251 -1.12 -11.11 -19.92
C LEU B 251 -0.40 -9.92 -19.31
N TYR B 252 0.33 -9.18 -20.12
CA TYR B 252 1.31 -8.22 -19.63
C TYR B 252 0.71 -6.85 -19.29
N CYS B 253 1.55 -5.97 -18.73
CA CYS B 253 1.23 -4.56 -18.61
C CYS B 253 2.00 -3.78 -19.67
N SER B 254 1.28 -3.07 -20.53
CA SER B 254 1.92 -2.20 -21.52
C SER B 254 2.50 -0.96 -20.87
N TYR B 255 3.77 -0.67 -21.17
CA TYR B 255 4.38 0.55 -20.67
C TYR B 255 3.88 1.77 -21.44
N LYS B 256 3.61 1.63 -22.73
CA LYS B 256 3.18 2.77 -23.52
C LYS B 256 1.77 3.22 -23.10
N LEU B 257 0.96 2.30 -22.60
CA LEU B 257 -0.37 2.67 -22.08
C LEU B 257 -0.26 3.74 -21.01
N GLY B 258 0.58 3.49 -20.00
CA GLY B 258 0.80 4.44 -18.92
C GLY B 258 1.31 5.77 -19.45
N SER B 259 2.12 5.71 -20.51
CA SER B 259 2.67 6.91 -21.12
C SER B 259 1.62 7.81 -21.77
N PHE B 260 0.66 7.23 -22.49
CA PHE B 260 -0.42 8.01 -23.09
C PHE B 260 -1.23 8.70 -22.01
N LEU B 261 -1.58 7.93 -20.99
CA LEU B 261 -2.42 8.42 -19.91
C LEU B 261 -1.72 9.52 -19.13
N ALA B 262 -0.43 9.33 -18.87
CA ALA B 262 0.38 10.34 -18.20
C ALA B 262 0.46 11.64 -19.02
N ALA B 263 0.47 11.52 -20.34
CA ALA B 263 0.46 12.70 -21.20
C ALA B 263 -0.85 13.45 -21.03
N GLY B 264 -1.93 12.71 -20.82
CA GLY B 264 -3.23 13.31 -20.59
C GLY B 264 -4.21 13.20 -21.73
N ILE B 265 -4.04 12.15 -22.55
CA ILE B 265 -5.00 11.87 -23.60
C ILE B 265 -5.55 10.45 -23.47
N PRO B 266 -6.75 10.21 -24.02
CA PRO B 266 -7.39 8.90 -23.97
C PRO B 266 -6.71 7.89 -24.88
N VAL B 267 -6.97 6.61 -24.64
CA VAL B 267 -6.32 5.55 -25.38
C VAL B 267 -7.30 4.69 -26.17
N ILE B 268 -6.75 3.94 -27.12
CA ILE B 268 -7.49 2.94 -27.87
C ILE B 268 -6.73 1.65 -27.71
N VAL B 269 -7.37 0.64 -27.13
CA VAL B 269 -6.72 -0.65 -26.89
C VAL B 269 -7.53 -1.79 -27.48
N GLN B 270 -6.84 -2.86 -27.87
CA GLN B 270 -7.51 -4.01 -28.45
C GLN B 270 -8.20 -4.83 -27.38
N GLU B 271 -9.41 -5.28 -27.68
CA GLU B 271 -10.16 -6.16 -26.79
C GLU B 271 -9.28 -7.34 -26.40
N GLY B 272 -9.30 -7.70 -25.12
CA GLY B 272 -8.51 -8.82 -24.63
C GLY B 272 -7.26 -8.42 -23.87
N ILE B 273 -6.84 -7.16 -24.03
CA ILE B 273 -5.67 -6.68 -23.31
C ILE B 273 -5.90 -6.81 -21.82
N ALA B 274 -4.85 -7.20 -21.07
CA ALA B 274 -4.99 -7.47 -19.65
C ALA B 274 -5.45 -6.24 -18.87
N ASN B 275 -6.18 -6.45 -17.78
CA ASN B 275 -6.59 -5.34 -16.93
C ASN B 275 -7.43 -4.31 -17.66
N GLN B 276 -8.20 -4.75 -18.65
CA GLN B 276 -8.99 -3.80 -19.44
C GLN B 276 -10.04 -3.08 -18.59
N GLU B 277 -10.47 -3.69 -17.50
CA GLU B 277 -11.47 -3.08 -16.62
C GLU B 277 -11.01 -1.74 -16.05
N LEU B 278 -9.69 -1.54 -15.96
CA LEU B 278 -9.13 -0.27 -15.50
C LEU B 278 -9.51 0.83 -16.48
N ILE B 279 -9.32 0.55 -17.77
CA ILE B 279 -9.70 1.49 -18.81
C ILE B 279 -11.20 1.79 -18.77
N GLU B 280 -12.00 0.74 -18.69
CA GLU B 280 -13.47 0.84 -18.66
C GLU B 280 -14.01 1.58 -17.44
N ASN B 281 -13.61 1.13 -16.26
CA ASN B 281 -14.13 1.68 -15.01
C ASN B 281 -13.70 3.13 -14.77
N ASN B 282 -12.64 3.56 -15.44
CA ASN B 282 -12.15 4.93 -15.26
C ASN B 282 -12.39 5.82 -16.46
N GLY B 283 -13.07 5.27 -17.46
CA GLY B 283 -13.42 5.99 -18.68
C GLY B 283 -12.23 6.60 -19.41
N LEU B 284 -11.18 5.82 -19.57
CA LEU B 284 -9.90 6.33 -20.05
C LEU B 284 -9.73 6.22 -21.56
N GLY B 285 -10.74 5.67 -22.23
CA GLY B 285 -10.69 5.48 -23.67
C GLY B 285 -11.58 4.35 -24.14
N TRP B 286 -11.25 3.77 -25.29
CA TRP B 286 -12.13 2.75 -25.89
C TRP B 286 -11.41 1.42 -26.02
N ILE B 287 -12.18 0.36 -25.83
CA ILE B 287 -11.68 -0.99 -26.07
C ILE B 287 -12.35 -1.46 -27.35
N VAL B 288 -11.56 -1.72 -28.38
CA VAL B 288 -12.12 -2.05 -29.69
C VAL B 288 -11.67 -3.41 -30.22
N LYS B 289 -12.42 -3.91 -31.21
CA LYS B 289 -12.20 -5.24 -31.77
C LYS B 289 -10.99 -5.29 -32.70
N ASP B 290 -10.83 -4.24 -33.50
CA ASP B 290 -9.75 -4.20 -34.49
C ASP B 290 -9.46 -2.77 -34.89
N VAL B 291 -8.37 -2.57 -35.62
CA VAL B 291 -7.95 -1.23 -36.03
C VAL B 291 -9.08 -0.53 -36.78
N GLU B 292 -9.84 -1.27 -37.56
CA GLU B 292 -10.93 -0.69 -38.33
C GLU B 292 -11.94 0.01 -37.42
N GLU B 293 -12.24 -0.60 -36.29
CA GLU B 293 -13.19 0.00 -35.36
C GLU B 293 -12.59 1.23 -34.70
N ALA B 294 -11.28 1.19 -34.43
CA ALA B 294 -10.58 2.32 -33.85
C ALA B 294 -10.59 3.52 -34.80
N ILE B 295 -10.24 3.27 -36.06
CA ILE B 295 -10.20 4.32 -37.08
C ILE B 295 -11.59 4.96 -37.20
N MET B 296 -12.60 4.13 -36.99
CA MET B 296 -13.98 4.58 -37.03
C MET B 296 -14.31 5.51 -35.86
N LYS B 297 -13.93 5.08 -34.66
CA LYS B 297 -14.17 5.84 -33.44
C LYS B 297 -13.55 7.24 -33.50
N VAL B 298 -12.35 7.34 -34.07
CA VAL B 298 -11.63 8.61 -34.13
C VAL B 298 -12.30 9.51 -35.16
N LYS B 299 -12.52 8.97 -36.36
CA LYS B 299 -13.17 9.73 -37.41
C LYS B 299 -14.52 10.23 -36.93
N ASN B 300 -15.17 9.45 -36.07
CA ASN B 300 -16.56 9.68 -35.74
C ASN B 300 -16.81 10.40 -34.41
N VAL B 301 -15.82 10.39 -33.52
CA VAL B 301 -16.00 11.04 -32.23
C VAL B 301 -16.15 12.55 -32.39
N ASN B 302 -17.02 13.15 -31.58
CA ASN B 302 -17.13 14.61 -31.57
C ASN B 302 -16.36 15.23 -30.41
N GLU B 303 -16.44 16.55 -30.28
CA GLU B 303 -15.63 17.29 -29.31
C GLU B 303 -16.06 17.07 -27.86
N ASP B 304 -17.36 17.06 -27.62
CA ASP B 304 -17.87 16.88 -26.26
C ASP B 304 -17.54 15.52 -25.70
N GLU B 305 -17.55 14.51 -26.56
CA GLU B 305 -17.17 13.16 -26.15
C GLU B 305 -15.70 13.14 -25.77
N TYR B 306 -14.88 13.80 -26.58
CA TYR B 306 -13.44 13.89 -26.35
C TYR B 306 -13.11 14.63 -25.06
N ILE B 307 -13.78 15.76 -24.86
CA ILE B 307 -13.60 16.56 -23.66
C ILE B 307 -13.86 15.70 -22.42
N GLU B 308 -14.88 14.86 -22.51
CA GLU B 308 -15.24 13.99 -21.41
C GLU B 308 -14.13 12.96 -21.12
N LEU B 309 -13.62 12.33 -22.18
CA LEU B 309 -12.54 11.36 -22.06
C LEU B 309 -11.30 12.00 -21.48
N VAL B 310 -10.96 13.18 -21.99
CA VAL B 310 -9.78 13.91 -21.53
C VAL B 310 -9.88 14.23 -20.02
N LYS B 311 -11.06 14.65 -19.58
CA LYS B 311 -11.27 14.95 -18.17
C LYS B 311 -11.07 13.71 -17.30
N ASN B 312 -11.59 12.58 -17.77
CA ASN B 312 -11.41 11.31 -17.07
C ASN B 312 -9.93 10.98 -16.95
N VAL B 313 -9.20 11.16 -18.05
CA VAL B 313 -7.80 10.77 -18.10
C VAL B 313 -7.01 11.64 -17.14
N ARG B 314 -7.28 12.94 -17.14
CA ARG B 314 -6.49 13.84 -16.31
C ARG B 314 -6.89 13.80 -14.84
N SER B 315 -8.07 13.28 -14.56
CA SER B 315 -8.52 13.08 -13.18
C SER B 315 -7.82 11.84 -12.60
N PHE B 316 -7.57 10.89 -13.48
CA PHE B 316 -6.96 9.62 -13.12
C PHE B 316 -5.42 9.68 -13.06
N ASN B 317 -4.81 10.45 -13.95
CA ASN B 317 -3.37 10.32 -14.15
C ASN B 317 -2.40 10.82 -13.07
N PRO B 318 -2.91 11.51 -12.03
CA PRO B 318 -1.94 11.76 -10.95
C PRO B 318 -1.44 10.46 -10.32
N ILE B 319 -2.23 9.39 -10.37
CA ILE B 319 -1.76 8.08 -9.89
C ILE B 319 -0.50 7.67 -10.66
N LEU B 320 -0.53 7.86 -11.97
CA LEU B 320 0.58 7.47 -12.83
C LEU B 320 1.78 8.40 -12.66
N ARG B 321 1.49 9.69 -12.56
CA ARG B 321 2.53 10.70 -12.59
C ARG B 321 3.25 10.77 -11.26
N LYS B 322 2.61 10.27 -10.21
CA LYS B 322 3.22 10.25 -8.87
C LYS B 322 3.65 8.84 -8.45
N GLY B 323 3.42 7.86 -9.32
CA GLY B 323 3.93 6.53 -9.08
C GLY B 323 3.14 5.65 -8.12
N PHE B 324 1.82 5.82 -8.08
CA PHE B 324 1.03 5.09 -7.07
C PHE B 324 0.73 3.61 -7.33
N PHE B 325 0.64 3.20 -8.60
CA PHE B 325 0.54 1.76 -8.85
C PHE B 325 1.77 1.07 -8.26
N THR B 326 2.91 1.73 -8.38
CA THR B 326 4.17 1.13 -7.95
C THR B 326 4.31 1.23 -6.44
N ARG B 327 3.93 2.36 -5.85
CA ARG B 327 3.97 2.47 -4.40
C ARG B 327 3.10 1.41 -3.75
N ARG B 328 1.93 1.15 -4.32
CA ARG B 328 1.06 0.18 -3.66
C ARG B 328 1.57 -1.26 -3.78
N LEU B 329 2.07 -1.65 -4.94
CA LEU B 329 2.59 -3.02 -5.06
C LEU B 329 3.86 -3.21 -4.22
N LEU B 330 4.72 -2.19 -4.20
CA LEU B 330 5.94 -2.21 -3.39
C LEU B 330 5.64 -2.34 -1.88
N THR B 331 4.55 -1.72 -1.44
CA THR B 331 4.16 -1.77 -0.03
C THR B 331 3.38 -3.05 0.30
N GLU B 332 2.38 -3.35 -0.52
CA GLU B 332 1.54 -4.52 -0.28
C GLU B 332 2.33 -5.84 -0.38
N SER B 333 3.24 -5.93 -1.33
CA SER B 333 4.01 -7.18 -1.47
C SER B 333 4.89 -7.48 -0.26
N VAL B 334 5.55 -6.45 0.27
CA VAL B 334 6.38 -6.59 1.47
C VAL B 334 5.50 -6.97 2.66
N PHE B 335 4.40 -6.25 2.82
CA PHE B 335 3.43 -6.60 3.85
C PHE B 335 3.03 -8.07 3.76
N GLN B 336 2.64 -8.50 2.56
CA GLN B 336 2.17 -9.89 2.40
C GLN B 336 3.29 -10.89 2.69
N ALA B 337 4.52 -10.49 2.40
CA ALA B 337 5.66 -11.36 2.60
C ALA B 337 5.83 -11.71 4.07
N ILE B 338 5.41 -10.81 4.97
CA ILE B 338 5.54 -11.05 6.41
C ILE B 338 4.27 -11.58 7.07
N CYS B 339 3.12 -11.12 6.62
CA CYS B 339 1.87 -11.41 7.34
C CYS B 339 1.27 -12.75 6.91
#